data_7X5A
#
_entry.id   7X5A
#
_cell.length_a   1.00
_cell.length_b   1.00
_cell.length_c   1.00
_cell.angle_alpha   90.00
_cell.angle_beta   90.00
_cell.angle_gamma   90.00
#
_symmetry.space_group_name_H-M   'P 1'
#
loop_
_entity.id
_entity.type
_entity.pdbx_description
1 polymer 'DNA (26-MER)'
2 polymer 'DNA (26-MER)'
3 polymer 'DNA (26-MER)'
4 polymer 'DNA (26-MER)'
5 polymer 'Holliday junction ATP-dependent DNA helicase RuvA'
#
loop_
_entity_poly.entity_id
_entity_poly.type
_entity_poly.pdbx_seq_one_letter_code
_entity_poly.pdbx_strand_id
1 'polydeoxyribonucleotide'
;(DA)(DA)(DA)(DA)(DT)(DA)(DT)(DA)(DA)(DT)(DA)(DT)(DT)(DT)(DA)(DA)(DT)(DA)(DT)(DT)
(DA)(DT)(DA)(DA)(DT)(DA)
;
I
2 'polydeoxyribonucleotide'
;(DT)(DA)(DT)(DT)(DA)(DT)(DA)(DA)(DT)(DA)(DT)(DT)(DA)(DA)(DA)(DT)(DA)(DT)(DT)(DA)
(DT)(DA)(DT)(DT)(DT)(DA)
;
J
3 'polydeoxyribonucleotide'
;(DA)(DA)(DA)(DA)(DT)(DT)(DA)(DA)(DT)(DA)(DT)(DT)(DA)(DA)(DA)(DT)(DA)(DT)(DT)(DA)
(DT)(DA)(DT)(DT)(DT)(DT)
;
K
4 'polydeoxyribonucleotide'
;(DT)(DA)(DA)(DA)(DT)(DA)(DT)(DA)(DA)(DT)(DA)(DT)(DT)(DT)(DA)(DA)(DT)(DA)(DT)(DT)
(DA)(DA)(DT)(DT)(DT)(DT)
;
L
5 'polypeptide(L)'
;MIGRLRGTLAEKQPPHLILDVNGVGYEVEVPMTTLYRLPSVGEPVTLHTHLVVREDAHLLYGFAEKRERELFRELIRLNG
VGPKLALALMSGLEVDELVRCVQAQDTSTLVKIPGVGKKTAERLLVELKDRFKAWEN
;
A,B,C,D,E,F,G,H
#
loop_
_chem_comp.id
_chem_comp.type
_chem_comp.name
_chem_comp.formula
DA DNA linking 2'-DEOXYADENOSINE-5'-MONOPHOSPHATE 'C10 H14 N5 O6 P'
DT DNA linking THYMIDINE-5'-MONOPHOSPHATE 'C10 H15 N2 O8 P'
#
# COMPACT_ATOMS: atom_id res chain seq x y z
N MET E 1 -10.01 19.87 1.31
CA MET E 1 -11.48 19.74 1.50
C MET E 1 -12.00 20.81 2.45
N ILE E 2 -11.47 20.83 3.67
CA ILE E 2 -11.84 21.83 4.67
C ILE E 2 -10.84 22.96 4.58
N GLY E 3 -11.32 24.16 4.31
CA GLY E 3 -10.44 25.31 4.12
C GLY E 3 -10.69 26.43 5.11
N ARG E 4 -11.68 26.28 5.98
CA ARG E 4 -11.97 27.31 6.97
C ARG E 4 -12.96 26.75 7.99
N LEU E 5 -12.73 27.07 9.26
CA LEU E 5 -13.64 26.70 10.35
C LEU E 5 -14.06 27.97 11.08
N ARG E 6 -15.36 28.12 11.27
CA ARG E 6 -15.93 29.28 11.95
C ARG E 6 -16.84 28.77 13.06
N GLY E 7 -16.35 28.82 14.29
CA GLY E 7 -17.11 28.37 15.45
C GLY E 7 -16.67 29.13 16.69
N THR E 8 -16.88 28.52 17.85
CA THR E 8 -16.50 29.10 19.13
C THR E 8 -15.38 28.29 19.76
N LEU E 9 -14.39 28.98 20.30
CA LEU E 9 -13.27 28.32 20.96
C LEU E 9 -13.76 27.62 22.23
N ALA E 10 -13.58 26.30 22.27
CA ALA E 10 -14.06 25.51 23.40
C ALA E 10 -12.95 25.18 24.41
N GLU E 11 -11.80 24.69 23.94
CA GLU E 11 -10.67 24.42 24.80
C GLU E 11 -9.41 25.00 24.17
N LYS E 12 -8.48 25.43 25.02
CA LYS E 12 -7.23 26.05 24.61
C LYS E 12 -6.08 25.28 25.26
N GLN E 13 -5.60 24.26 24.56
CA GLN E 13 -4.49 23.43 25.02
C GLN E 13 -3.38 23.53 23.97
N PRO E 14 -2.43 24.46 24.14
CA PRO E 14 -1.45 24.67 23.08
C PRO E 14 -0.62 23.42 22.87
N PRO E 15 -0.17 23.17 21.63
CA PRO E 15 -0.41 23.99 20.44
C PRO E 15 -1.74 23.66 19.75
N HIS E 16 -2.56 22.83 20.39
CA HIS E 16 -3.81 22.36 19.80
C HIS E 16 -4.98 23.21 20.28
N LEU E 17 -6.10 23.06 19.57
CA LEU E 17 -7.33 23.77 19.87
C LEU E 17 -8.51 22.84 19.65
N ILE E 18 -9.64 23.19 20.25
CA ILE E 18 -10.91 22.54 20.00
C ILE E 18 -11.89 23.63 19.55
N LEU E 19 -12.12 23.70 18.24
CA LEU E 19 -12.97 24.73 17.65
C LEU E 19 -14.36 24.14 17.47
N ASP E 20 -15.27 24.49 18.38
CA ASP E 20 -16.61 23.91 18.38
C ASP E 20 -17.43 24.50 17.24
N VAL E 21 -17.79 23.67 16.28
CA VAL E 21 -18.59 24.10 15.14
C VAL E 21 -19.95 23.39 15.18
N ASN E 22 -20.93 24.04 15.80
CA ASN E 22 -22.29 23.51 15.87
C ASN E 22 -22.31 22.10 16.46
N GLY E 23 -21.54 21.90 17.52
CA GLY E 23 -21.53 20.63 18.23
C GLY E 23 -20.29 19.81 17.96
N VAL E 24 -19.82 19.80 16.72
CA VAL E 24 -18.64 19.04 16.34
C VAL E 24 -17.40 19.84 16.68
N GLY E 25 -16.63 19.37 17.66
CA GLY E 25 -15.38 20.01 18.02
C GLY E 25 -14.25 19.45 17.19
N TYR E 26 -13.48 20.35 16.58
CA TYR E 26 -12.39 19.98 15.69
C TYR E 26 -11.05 20.20 16.38
N GLU E 27 -10.22 19.17 16.37
CA GLU E 27 -8.86 19.27 16.90
C GLU E 27 -7.98 19.96 15.88
N VAL E 28 -7.63 21.22 16.14
CA VAL E 28 -6.88 22.05 15.22
C VAL E 28 -5.57 22.45 15.89
N GLU E 29 -4.46 22.24 15.19
CA GLU E 29 -3.15 22.63 15.66
C GLU E 29 -2.78 23.97 15.06
N VAL E 30 -2.34 24.91 15.90
CA VAL E 30 -2.08 26.28 15.48
C VAL E 30 -0.64 26.68 15.84
N PRO E 31 -0.02 27.58 15.09
CA PRO E 31 1.28 28.11 15.52
C PRO E 31 1.14 29.03 16.72
N MET E 32 2.27 29.28 17.38
CA MET E 32 2.26 30.15 18.55
C MET E 32 1.84 31.56 18.19
N THR E 33 2.18 32.02 16.99
CA THR E 33 1.74 33.34 16.54
C THR E 33 0.23 33.40 16.47
N THR E 34 -0.41 32.35 15.94
CA THR E 34 -1.87 32.29 15.93
C THR E 34 -2.41 32.23 17.35
N LEU E 35 -1.77 31.45 18.22
CA LEU E 35 -2.24 31.35 19.60
C LEU E 35 -2.22 32.70 20.30
N TYR E 36 -1.23 33.54 20.02
CA TYR E 36 -1.13 34.84 20.66
C TYR E 36 -2.25 35.78 20.26
N ARG E 37 -3.02 35.45 19.22
CA ARG E 37 -4.10 36.31 18.75
C ARG E 37 -5.49 35.77 19.02
N LEU E 38 -5.62 34.53 19.49
CA LEU E 38 -6.93 33.97 19.73
C LEU E 38 -7.61 34.67 20.91
N PRO E 39 -8.93 34.76 20.90
CA PRO E 39 -9.65 35.33 22.06
C PRO E 39 -9.73 34.31 23.19
N SER E 40 -10.46 34.67 24.23
CA SER E 40 -10.65 33.78 25.36
C SER E 40 -11.56 32.62 24.97
N VAL E 41 -11.50 31.55 25.77
CA VAL E 41 -12.30 30.37 25.51
C VAL E 41 -13.78 30.74 25.54
N GLY E 42 -14.54 30.23 24.57
CA GLY E 42 -15.96 30.51 24.47
C GLY E 42 -16.30 31.59 23.47
N GLU E 43 -15.32 32.38 23.01
CA GLU E 43 -15.57 33.43 22.04
C GLU E 43 -15.49 32.89 20.63
N PRO E 44 -16.19 33.50 19.67
CA PRO E 44 -16.12 33.02 18.29
C PRO E 44 -14.73 33.21 17.70
N VAL E 45 -14.32 32.25 16.86
CA VAL E 45 -13.04 32.32 16.17
C VAL E 45 -13.24 31.83 14.74
N THR E 46 -12.33 32.26 13.86
CA THR E 46 -12.34 31.84 12.46
C THR E 46 -10.90 31.50 12.07
N LEU E 47 -10.67 30.23 11.75
CA LEU E 47 -9.35 29.75 11.37
C LEU E 47 -9.39 29.25 9.92
N HIS E 48 -8.31 29.51 9.20
CA HIS E 48 -8.16 29.06 7.82
C HIS E 48 -7.37 27.75 7.86
N THR E 49 -8.08 26.65 8.02
CA THR E 49 -7.46 25.37 8.29
C THR E 49 -6.96 24.73 6.98
N HIS E 50 -5.97 23.84 7.14
CA HIS E 50 -5.47 23.01 6.06
C HIS E 50 -5.48 21.56 6.52
N LEU E 51 -6.24 20.73 5.81
CA LEU E 51 -6.43 19.34 6.21
C LEU E 51 -5.33 18.47 5.61
N VAL E 52 -4.58 17.80 6.46
CA VAL E 52 -3.53 16.87 6.04
C VAL E 52 -4.06 15.45 6.19
N VAL E 53 -4.22 14.75 5.07
CA VAL E 53 -4.77 13.41 5.05
C VAL E 53 -3.63 12.42 4.90
N ARG E 54 -3.61 11.40 5.76
CA ARG E 54 -2.60 10.36 5.76
C ARG E 54 -3.29 9.02 5.61
N GLU E 55 -2.50 7.95 5.64
CA GLU E 55 -3.05 6.60 5.62
C GLU E 55 -3.53 6.14 7.00
N ASP E 56 -3.22 6.90 8.05
CA ASP E 56 -3.59 6.50 9.40
C ASP E 56 -4.11 7.64 10.26
N ALA E 57 -4.32 8.83 9.72
CA ALA E 57 -4.81 9.94 10.52
C ALA E 57 -5.19 11.11 9.62
N HIS E 58 -6.21 11.85 10.05
CA HIS E 58 -6.59 13.11 9.44
C HIS E 58 -6.27 14.23 10.42
N LEU E 59 -5.56 15.26 9.94
CA LEU E 59 -5.06 16.32 10.80
C LEU E 59 -5.47 17.67 10.23
N LEU E 60 -5.76 18.61 11.12
CA LEU E 60 -6.14 19.97 10.76
C LEU E 60 -5.11 20.95 11.33
N TYR E 61 -4.78 21.97 10.54
CA TYR E 61 -3.82 23.00 10.94
C TYR E 61 -4.44 24.36 10.67
N GLY E 62 -4.77 25.08 11.73
CA GLY E 62 -5.47 26.35 11.62
C GLY E 62 -4.53 27.53 11.66
N PHE E 63 -4.91 28.60 10.95
CA PHE E 63 -4.14 29.83 10.90
C PHE E 63 -5.08 31.01 10.91
N ALA E 64 -4.62 32.12 11.49
CA ALA E 64 -5.46 33.31 11.60
C ALA E 64 -5.59 34.05 10.28
N GLU E 65 -4.69 33.82 9.34
CA GLU E 65 -4.69 34.51 8.06
C GLU E 65 -4.57 33.50 6.92
N LYS E 66 -5.19 33.84 5.78
CA LYS E 66 -5.13 32.95 4.63
C LYS E 66 -3.72 32.85 4.07
N ARG E 67 -2.97 33.95 4.07
CA ARG E 67 -1.59 33.92 3.60
C ARG E 67 -0.76 32.94 4.42
N GLU E 68 -1.01 32.87 5.73
CA GLU E 68 -0.31 31.91 6.57
C GLU E 68 -0.60 30.48 6.13
N ARG E 69 -1.87 30.18 5.83
CA ARG E 69 -2.22 28.83 5.39
C ARG E 69 -1.57 28.51 4.04
N GLU E 70 -1.56 29.48 3.13
CA GLU E 70 -0.91 29.26 1.84
C GLU E 70 0.57 28.97 2.03
N LEU E 71 1.24 29.76 2.87
CA LEU E 71 2.66 29.54 3.13
C LEU E 71 2.90 28.18 3.77
N PHE E 72 2.02 27.77 4.69
CA PHE E 72 2.16 26.46 5.31
C PHE E 72 2.03 25.35 4.27
N ARG E 73 1.07 25.49 3.36
CA ARG E 73 0.91 24.48 2.31
C ARG E 73 2.16 24.39 1.43
N GLU E 74 2.66 25.54 0.99
CA GLU E 74 3.87 25.52 0.16
C GLU E 74 5.06 24.94 0.92
N LEU E 75 5.15 25.21 2.23
CA LEU E 75 6.28 24.70 3.00
C LEU E 75 6.19 23.19 3.18
N ILE E 76 5.01 22.68 3.52
CA ILE E 76 4.87 21.24 3.71
C ILE E 76 4.95 20.49 2.38
N ARG E 77 4.72 21.18 1.26
CA ARG E 77 4.91 20.54 -0.04
C ARG E 77 6.37 20.21 -0.31
N LEU E 78 7.30 20.74 0.46
CA LEU E 78 8.71 20.49 0.25
C LEU E 78 9.07 19.06 0.66
N ASN E 79 10.19 18.58 0.13
CA ASN E 79 10.58 17.19 0.34
C ASN E 79 11.01 16.94 1.79
N GLY E 80 11.79 17.85 2.37
CA GLY E 80 12.33 17.63 3.69
C GLY E 80 11.56 18.29 4.82
N VAL E 81 10.56 19.09 4.47
CA VAL E 81 9.79 19.86 5.44
C VAL E 81 8.44 19.18 5.64
N GLY E 82 8.09 18.94 6.90
CA GLY E 82 6.81 18.36 7.24
C GLY E 82 5.93 19.36 7.97
N PRO E 83 4.74 18.92 8.38
CA PRO E 83 3.82 19.86 9.05
C PRO E 83 4.41 20.51 10.29
N LYS E 84 5.15 19.75 11.10
CA LYS E 84 5.64 20.30 12.36
C LYS E 84 6.83 21.22 12.15
N LEU E 85 7.71 20.89 11.20
CA LEU E 85 8.80 21.80 10.86
C LEU E 85 8.25 23.11 10.32
N ALA E 86 7.23 23.03 9.45
CA ALA E 86 6.61 24.24 8.95
C ALA E 86 5.96 25.04 10.08
N LEU E 87 5.30 24.35 11.02
CA LEU E 87 4.69 25.05 12.14
C LEU E 87 5.75 25.76 12.97
N ALA E 88 6.88 25.11 13.20
CA ALA E 88 7.97 25.75 13.93
C ALA E 88 8.49 26.97 13.17
N LEU E 89 8.62 26.85 11.84
CA LEU E 89 9.07 27.99 11.05
C LEU E 89 8.11 29.16 11.17
N MET E 90 6.81 28.91 11.09
CA MET E 90 5.84 29.99 11.17
C MET E 90 5.72 30.55 12.58
N SER E 91 5.98 29.74 13.60
CA SER E 91 5.94 30.23 14.97
C SER E 91 7.16 31.09 15.27
N GLY E 92 8.33 30.71 14.76
CA GLY E 92 9.54 31.45 15.06
C GLY E 92 9.51 32.86 14.51
N LEU E 93 9.00 33.04 13.30
CA LEU E 93 9.02 34.34 12.65
C LEU E 93 7.84 34.47 11.70
N GLU E 94 7.51 35.71 11.34
CA GLU E 94 6.33 36.02 10.57
C GLU E 94 6.55 35.70 9.08
N VAL E 95 5.45 35.73 8.33
CA VAL E 95 5.51 35.46 6.90
C VAL E 95 6.39 36.49 6.20
N ASP E 96 6.21 37.78 6.53
CA ASP E 96 7.04 38.81 5.94
C ASP E 96 8.51 38.59 6.27
N GLU E 97 8.81 38.24 7.52
CA GLU E 97 10.19 37.94 7.89
C GLU E 97 10.71 36.74 7.13
N LEU E 98 9.88 35.71 6.95
CA LEU E 98 10.32 34.52 6.24
C LEU E 98 10.66 34.85 4.79
N VAL E 99 9.82 35.63 4.11
CA VAL E 99 10.09 35.96 2.72
C VAL E 99 11.31 36.87 2.62
N ARG E 100 11.47 37.79 3.59
CA ARG E 100 12.65 38.65 3.58
C ARG E 100 13.92 37.81 3.74
N CYS E 101 13.89 36.81 4.63
CA CYS E 101 15.03 35.93 4.79
C CYS E 101 15.30 35.13 3.52
N VAL E 102 14.23 34.65 2.88
CA VAL E 102 14.40 33.84 1.67
C VAL E 102 15.04 34.68 0.56
N GLN E 103 14.54 35.89 0.36
CA GLN E 103 15.08 36.76 -0.69
C GLN E 103 16.42 37.36 -0.31
N ALA E 104 16.79 37.34 0.97
CA ALA E 104 18.09 37.83 1.40
C ALA E 104 19.13 36.73 1.55
N GLN E 105 18.71 35.47 1.59
CA GLN E 105 19.62 34.33 1.68
C GLN E 105 20.49 34.42 2.94
N ASP E 106 19.81 34.44 4.09
CA ASP E 106 20.47 34.48 5.40
C ASP E 106 20.00 33.29 6.21
N THR E 107 20.87 32.31 6.40
CA THR E 107 20.55 31.12 7.18
C THR E 107 20.67 31.36 8.68
N SER E 108 21.28 32.47 9.10
CA SER E 108 21.44 32.72 10.53
C SER E 108 20.09 32.85 11.22
N THR E 109 19.14 33.56 10.59
CA THR E 109 17.81 33.70 11.18
C THR E 109 17.09 32.35 11.22
N LEU E 110 17.19 31.57 10.15
CA LEU E 110 16.48 30.29 10.10
C LEU E 110 17.01 29.31 11.14
N VAL E 111 18.34 29.21 11.28
CA VAL E 111 18.90 28.27 12.24
C VAL E 111 18.53 28.64 13.67
N LYS E 112 18.20 29.91 13.92
CA LYS E 112 17.78 30.31 15.26
C LYS E 112 16.48 29.62 15.66
N ILE E 113 15.62 29.30 14.70
CA ILE E 113 14.35 28.65 15.01
C ILE E 113 14.62 27.26 15.57
N PRO E 114 13.99 26.85 16.66
CA PRO E 114 14.19 25.47 17.16
C PRO E 114 13.79 24.45 16.11
N GLY E 115 14.56 23.37 16.02
CA GLY E 115 14.28 22.30 15.10
C GLY E 115 14.80 22.51 13.69
N VAL E 116 15.39 23.65 13.40
CA VAL E 116 15.92 23.98 12.07
C VAL E 116 17.43 24.06 12.15
N GLY E 117 18.10 23.24 11.35
CA GLY E 117 19.55 23.25 11.28
C GLY E 117 20.07 23.92 10.02
N LYS E 118 21.38 23.75 9.80
CA LYS E 118 22.02 24.36 8.64
C LYS E 118 21.52 23.72 7.35
N LYS E 119 21.47 22.39 7.31
CA LYS E 119 21.02 21.70 6.10
C LYS E 119 19.56 22.04 5.79
N THR E 120 18.71 22.05 6.81
CA THR E 120 17.31 22.40 6.59
C THR E 120 17.17 23.82 6.08
N ALA E 121 17.94 24.75 6.65
CA ALA E 121 17.89 26.13 6.19
C ALA E 121 18.33 26.24 4.74
N GLU E 122 19.42 25.54 4.36
CA GLU E 122 19.88 25.59 2.99
C GLU E 122 18.83 25.03 2.04
N ARG E 123 18.21 23.90 2.40
CA ARG E 123 17.18 23.32 1.55
C ARG E 123 15.99 24.27 1.41
N LEU E 124 15.57 24.89 2.51
CA LEU E 124 14.47 25.84 2.44
C LEU E 124 14.80 27.00 1.53
N LEU E 125 16.00 27.58 1.70
CA LEU E 125 16.38 28.71 0.87
C LEU E 125 16.41 28.32 -0.61
N VAL E 126 16.98 27.16 -0.92
CA VAL E 126 17.05 26.74 -2.31
C VAL E 126 15.64 26.56 -2.88
N GLU E 127 14.79 25.83 -2.17
CA GLU E 127 13.50 25.45 -2.73
C GLU E 127 12.52 26.61 -2.76
N LEU E 128 12.78 27.68 -2.00
CA LEU E 128 11.93 28.86 -2.09
C LEU E 128 12.49 29.89 -3.09
N LYS E 129 13.80 30.10 -3.08
CA LYS E 129 14.43 30.95 -4.09
C LYS E 129 14.26 30.36 -5.48
N ASP E 130 13.89 29.09 -5.59
CA ASP E 130 13.55 28.52 -6.88
C ASP E 130 12.17 29.01 -7.30
N ARG E 131 12.02 30.33 -7.40
CA ARG E 131 10.80 30.98 -7.88
C ARG E 131 9.58 30.52 -7.09
N PHE E 132 9.55 30.87 -5.80
CA PHE E 132 8.34 30.74 -5.01
C PHE E 132 7.97 32.00 -4.24
N LYS E 133 8.88 32.98 -4.12
CA LYS E 133 8.62 34.21 -3.37
C LYS E 133 8.73 35.44 -4.28
N ALA E 134 8.42 35.27 -5.57
CA ALA E 134 8.46 36.40 -6.48
C ALA E 134 7.46 37.47 -6.06
N TRP E 135 6.27 37.07 -5.65
CA TRP E 135 5.23 37.98 -5.17
C TRP E 135 5.07 37.82 -3.66
N GLU E 136 5.04 38.94 -2.95
CA GLU E 136 4.89 38.90 -1.51
C GLU E 136 3.54 38.29 -1.14
N ASN E 137 3.54 37.45 -0.11
CA ASN E 137 2.33 36.79 0.35
C ASN E 137 1.51 37.72 1.23
N MET F 1 -18.40 5.17 11.62
CA MET F 1 -18.35 6.50 12.29
C MET F 1 -19.70 7.20 12.23
N ILE F 2 -20.33 7.17 11.06
CA ILE F 2 -21.65 7.74 10.85
C ILE F 2 -22.66 6.60 10.93
N GLY F 3 -23.55 6.65 11.93
CA GLY F 3 -24.48 5.58 12.16
C GLY F 3 -25.93 5.94 11.89
N ARG F 4 -26.19 7.21 11.59
CA ARG F 4 -27.54 7.65 11.31
C ARG F 4 -27.51 9.05 10.74
N LEU F 5 -28.40 9.32 9.77
CA LEU F 5 -28.56 10.64 9.19
C LEU F 5 -30.01 11.05 9.31
N ARG F 6 -30.25 12.25 9.81
CA ARG F 6 -31.60 12.78 10.04
C ARG F 6 -31.70 14.14 9.35
N GLY F 7 -32.17 14.14 8.11
CA GLY F 7 -32.33 15.36 7.35
C GLY F 7 -33.59 15.35 6.52
N THR F 8 -33.61 16.13 5.44
CA THR F 8 -34.75 16.22 4.54
C THR F 8 -34.36 15.68 3.17
N LEU F 9 -35.24 14.88 2.59
CA LEU F 9 -35.00 14.30 1.26
C LEU F 9 -34.88 15.41 0.24
N ALA F 10 -33.68 15.59 -0.31
CA ALA F 10 -33.44 16.64 -1.30
C ALA F 10 -33.68 16.15 -2.72
N GLU F 11 -32.98 15.09 -3.12
CA GLU F 11 -33.14 14.50 -4.45
C GLU F 11 -33.25 13.00 -4.33
N LYS F 12 -34.20 12.41 -5.05
CA LYS F 12 -34.45 10.98 -5.02
C LYS F 12 -34.22 10.42 -6.42
N GLN F 13 -32.99 9.99 -6.68
CA GLN F 13 -32.62 9.33 -7.93
C GLN F 13 -32.24 7.90 -7.60
N PRO F 14 -33.11 6.93 -7.79
CA PRO F 14 -32.80 5.57 -7.34
C PRO F 14 -31.61 5.03 -8.09
N PRO F 15 -30.79 4.18 -7.43
CA PRO F 15 -30.94 3.72 -6.04
C PRO F 15 -30.32 4.66 -5.01
N HIS F 16 -30.01 5.89 -5.43
CA HIS F 16 -29.29 6.83 -4.59
C HIS F 16 -30.21 7.92 -4.04
N LEU F 17 -29.74 8.59 -2.99
CA LEU F 17 -30.46 9.66 -2.32
C LEU F 17 -29.53 10.84 -2.12
N ILE F 18 -30.12 11.96 -1.68
CA ILE F 18 -29.37 13.11 -1.20
C ILE F 18 -30.13 13.66 0.00
N LEU F 19 -29.56 13.50 1.19
CA LEU F 19 -30.15 14.00 2.42
C LEU F 19 -29.49 15.32 2.80
N ASP F 20 -30.27 16.39 2.82
CA ASP F 20 -29.76 17.72 3.16
C ASP F 20 -29.73 17.84 4.68
N VAL F 21 -28.65 17.32 5.27
CA VAL F 21 -28.47 17.35 6.72
C VAL F 21 -27.81 18.69 7.05
N ASN F 22 -28.64 19.69 7.30
CA ASN F 22 -28.17 21.02 7.67
C ASN F 22 -27.24 21.60 6.62
N GLY F 23 -27.57 21.38 5.35
CA GLY F 23 -26.82 21.97 4.25
C GLY F 23 -25.98 20.97 3.48
N VAL F 24 -25.35 20.03 4.18
CA VAL F 24 -24.50 19.05 3.55
C VAL F 24 -25.37 17.94 2.98
N GLY F 25 -25.29 17.74 1.66
CA GLY F 25 -26.06 16.71 1.01
C GLY F 25 -25.31 15.40 0.91
N TYR F 26 -25.70 14.42 1.72
CA TYR F 26 -25.04 13.12 1.74
C TYR F 26 -25.67 12.20 0.70
N GLU F 27 -24.83 11.67 -0.19
CA GLU F 27 -25.30 10.74 -1.21
C GLU F 27 -25.34 9.35 -0.59
N VAL F 28 -26.56 8.82 -0.43
CA VAL F 28 -26.80 7.56 0.26
C VAL F 28 -27.44 6.59 -0.73
N GLU F 29 -26.91 5.38 -0.81
CA GLU F 29 -27.46 4.32 -1.64
C GLU F 29 -28.33 3.42 -0.77
N VAL F 30 -29.53 3.11 -1.25
CA VAL F 30 -30.51 2.37 -0.46
C VAL F 30 -31.06 1.24 -1.31
N PRO F 31 -31.58 0.19 -0.67
CA PRO F 31 -32.26 -0.87 -1.43
C PRO F 31 -33.60 -0.39 -1.97
N MET F 32 -34.17 -1.20 -2.87
CA MET F 32 -35.48 -0.89 -3.42
C MET F 32 -36.55 -0.87 -2.34
N THR F 33 -36.45 -1.80 -1.38
CA THR F 33 -37.44 -1.84 -0.30
C THR F 33 -37.44 -0.54 0.49
N THR F 34 -36.25 -0.01 0.79
CA THR F 34 -36.18 1.28 1.49
C THR F 34 -36.80 2.40 0.66
N LEU F 35 -36.53 2.40 -0.66
CA LEU F 35 -37.09 3.44 -1.51
C LEU F 35 -38.61 3.39 -1.52
N TYR F 36 -39.19 2.19 -1.56
CA TYR F 36 -40.63 2.05 -1.63
C TYR F 36 -41.34 2.62 -0.40
N ARG F 37 -40.63 2.85 0.70
CA ARG F 37 -41.22 3.41 1.90
C ARG F 37 -40.81 4.85 2.15
N LEU F 38 -40.01 5.45 1.26
CA LEU F 38 -39.55 6.81 1.47
C LEU F 38 -40.67 7.82 1.20
N PRO F 39 -40.64 8.98 1.87
CA PRO F 39 -41.61 10.03 1.54
C PRO F 39 -41.26 10.74 0.25
N SER F 40 -42.02 11.78 -0.08
CA SER F 40 -41.72 12.59 -1.26
C SER F 40 -40.54 13.51 -0.98
N VAL F 41 -40.00 14.09 -2.05
CA VAL F 41 -38.86 14.99 -1.93
C VAL F 41 -39.26 16.20 -1.10
N GLY F 42 -38.39 16.59 -0.18
CA GLY F 42 -38.62 17.73 0.68
C GLY F 42 -39.13 17.38 2.06
N GLU F 43 -39.44 16.10 2.33
CA GLU F 43 -39.93 15.71 3.65
C GLU F 43 -38.80 15.13 4.49
N PRO F 44 -38.87 15.27 5.82
CA PRO F 44 -37.81 14.73 6.67
C PRO F 44 -37.77 13.21 6.61
N VAL F 45 -36.56 12.67 6.65
CA VAL F 45 -36.34 11.22 6.67
C VAL F 45 -35.20 10.91 7.63
N THR F 46 -35.23 9.69 8.16
CA THR F 46 -34.19 9.19 9.05
C THR F 46 -33.68 7.87 8.50
N LEU F 47 -32.37 7.79 8.26
CA LEU F 47 -31.74 6.60 7.73
C LEU F 47 -30.66 6.13 8.70
N HIS F 48 -30.59 4.82 8.90
CA HIS F 48 -29.55 4.20 9.73
C HIS F 48 -28.44 3.76 8.77
N THR F 49 -27.50 4.68 8.53
CA THR F 49 -26.52 4.48 7.48
C THR F 49 -25.33 3.66 7.97
N HIS F 50 -24.62 3.06 7.01
CA HIS F 50 -23.37 2.36 7.27
C HIS F 50 -22.32 2.89 6.30
N LEU F 51 -21.18 3.30 6.83
CA LEU F 51 -20.14 3.96 6.05
C LEU F 51 -19.10 2.92 5.65
N VAL F 52 -18.88 2.78 4.34
CA VAL F 52 -17.88 1.87 3.79
C VAL F 52 -16.71 2.71 3.30
N VAL F 53 -15.54 2.48 3.87
CA VAL F 53 -14.34 3.25 3.58
C VAL F 53 -13.37 2.36 2.82
N ARG F 54 -12.94 2.83 1.65
CA ARG F 54 -11.94 2.16 0.84
C ARG F 54 -10.74 3.08 0.67
N GLU F 55 -9.75 2.62 -0.11
CA GLU F 55 -8.57 3.41 -0.39
C GLU F 55 -8.82 4.55 -1.39
N ASP F 56 -9.98 4.54 -2.07
CA ASP F 56 -10.24 5.55 -3.08
C ASP F 56 -11.68 6.05 -3.08
N ALA F 57 -12.45 5.78 -2.03
CA ALA F 57 -13.84 6.26 -2.00
C ALA F 57 -14.44 6.03 -0.62
N HIS F 58 -15.31 6.95 -0.22
CA HIS F 58 -16.16 6.80 0.94
C HIS F 58 -17.60 6.66 0.49
N LEU F 59 -18.28 5.62 0.94
CA LEU F 59 -19.63 5.31 0.51
C LEU F 59 -20.56 5.20 1.72
N LEU F 60 -21.80 5.65 1.52
CA LEU F 60 -22.83 5.61 2.55
C LEU F 60 -23.98 4.73 2.07
N TYR F 61 -24.45 3.85 2.94
CA TYR F 61 -25.56 2.96 2.62
C TYR F 61 -26.61 3.11 3.73
N GLY F 62 -27.79 3.62 3.35
CA GLY F 62 -28.83 3.89 4.30
C GLY F 62 -29.91 2.83 4.31
N PHE F 63 -30.60 2.72 5.44
CA PHE F 63 -31.67 1.76 5.61
C PHE F 63 -32.75 2.37 6.51
N ALA F 64 -33.99 1.91 6.31
CA ALA F 64 -35.10 2.43 7.10
C ALA F 64 -35.02 1.98 8.55
N GLU F 65 -34.57 0.75 8.78
CA GLU F 65 -34.52 0.17 10.11
C GLU F 65 -33.09 -0.23 10.47
N LYS F 66 -32.82 -0.28 11.78
CA LYS F 66 -31.48 -0.62 12.25
C LYS F 66 -31.15 -2.09 12.01
N ARG F 67 -32.14 -2.98 12.11
CA ARG F 67 -31.90 -4.38 11.85
C ARG F 67 -31.42 -4.60 10.41
N GLU F 68 -31.96 -3.82 9.48
CA GLU F 68 -31.49 -3.90 8.09
C GLU F 68 -30.03 -3.51 7.99
N ARG F 69 -29.63 -2.45 8.70
CA ARG F 69 -28.23 -2.04 8.69
C ARG F 69 -27.33 -3.12 9.28
N GLU F 70 -27.76 -3.73 10.39
CA GLU F 70 -26.98 -4.80 10.98
C GLU F 70 -26.82 -5.97 10.01
N LEU F 71 -27.93 -6.37 9.36
CA LEU F 71 -27.86 -7.47 8.41
C LEU F 71 -26.93 -7.11 7.24
N PHE F 72 -26.99 -5.87 6.77
CA PHE F 72 -26.10 -5.45 5.69
C PHE F 72 -24.65 -5.55 6.12
N ARG F 73 -24.35 -5.12 7.34
CA ARG F 73 -22.97 -5.19 7.82
C ARG F 73 -22.47 -6.64 7.89
N GLU F 74 -23.29 -7.52 8.47
CA GLU F 74 -22.87 -8.93 8.51
C GLU F 74 -22.76 -9.53 7.12
N LEU F 75 -23.62 -9.13 6.20
CA LEU F 75 -23.55 -9.67 4.84
C LEU F 75 -22.27 -9.24 4.15
N ILE F 76 -21.96 -7.95 4.18
CA ILE F 76 -20.74 -7.46 3.54
C ILE F 76 -19.48 -7.92 4.26
N ARG F 77 -19.60 -8.36 5.51
CA ARG F 77 -18.45 -8.91 6.20
C ARG F 77 -17.98 -10.22 5.57
N LEU F 78 -18.83 -10.87 4.78
CA LEU F 78 -18.46 -12.14 4.16
C LEU F 78 -17.40 -11.92 3.08
N ASN F 79 -16.72 -13.01 2.73
CA ASN F 79 -15.60 -12.95 1.80
C ASN F 79 -16.02 -12.88 0.34
N GLY F 80 -17.28 -13.19 0.02
CA GLY F 80 -17.74 -13.16 -1.35
C GLY F 80 -18.88 -12.20 -1.59
N VAL F 81 -19.28 -11.47 -0.55
CA VAL F 81 -20.41 -10.55 -0.61
C VAL F 81 -19.90 -9.13 -0.47
N GLY F 82 -20.31 -8.27 -1.39
CA GLY F 82 -19.97 -6.87 -1.33
C GLY F 82 -21.20 -6.00 -1.16
N PRO F 83 -21.01 -4.68 -1.09
CA PRO F 83 -22.16 -3.79 -0.89
C PRO F 83 -23.23 -3.94 -1.97
N LYS F 84 -22.84 -4.11 -3.23
CA LYS F 84 -23.83 -4.24 -4.29
C LYS F 84 -24.61 -5.55 -4.16
N LEU F 85 -23.90 -6.65 -3.91
CA LEU F 85 -24.57 -7.94 -3.78
C LEU F 85 -25.46 -7.95 -2.53
N ALA F 86 -24.99 -7.38 -1.44
CA ALA F 86 -25.81 -7.29 -0.23
C ALA F 86 -27.06 -6.44 -0.48
N LEU F 87 -26.89 -5.31 -1.18
CA LEU F 87 -28.05 -4.47 -1.49
C LEU F 87 -29.04 -5.22 -2.36
N ALA F 88 -28.56 -6.01 -3.32
CA ALA F 88 -29.46 -6.83 -4.13
C ALA F 88 -30.19 -7.83 -3.27
N LEU F 89 -29.49 -8.46 -2.32
CA LEU F 89 -30.13 -9.43 -1.45
C LEU F 89 -31.24 -8.78 -0.63
N MET F 90 -30.97 -7.61 -0.06
CA MET F 90 -31.97 -6.94 0.76
C MET F 90 -33.09 -6.34 -0.06
N SER F 91 -32.85 -6.03 -1.34
CA SER F 91 -33.93 -5.57 -2.20
C SER F 91 -34.84 -6.73 -2.59
N GLY F 92 -34.25 -7.89 -2.92
CA GLY F 92 -35.06 -9.04 -3.28
C GLY F 92 -35.88 -9.57 -2.12
N LEU F 93 -35.29 -9.61 -0.93
CA LEU F 93 -35.95 -10.16 0.25
C LEU F 93 -35.73 -9.21 1.43
N GLU F 94 -36.68 -9.24 2.37
CA GLU F 94 -36.53 -8.51 3.61
C GLU F 94 -35.77 -9.37 4.63
N VAL F 95 -35.59 -8.85 5.83
CA VAL F 95 -34.78 -9.55 6.83
C VAL F 95 -35.44 -10.88 7.20
N ASP F 96 -36.76 -10.87 7.42
CA ASP F 96 -37.43 -12.07 7.91
C ASP F 96 -37.31 -13.22 6.90
N GLU F 97 -37.60 -12.94 5.63
CA GLU F 97 -37.51 -13.98 4.62
C GLU F 97 -36.09 -14.49 4.46
N LEU F 98 -35.11 -13.57 4.48
CA LEU F 98 -33.72 -13.98 4.33
C LEU F 98 -33.29 -14.90 5.46
N VAL F 99 -33.64 -14.54 6.71
CA VAL F 99 -33.23 -15.37 7.84
C VAL F 99 -33.97 -16.71 7.81
N ARG F 100 -35.25 -16.70 7.42
CA ARG F 100 -35.98 -17.96 7.35
C ARG F 100 -35.37 -18.89 6.30
N CYS F 101 -34.98 -18.32 5.15
CA CYS F 101 -34.33 -19.12 4.13
C CYS F 101 -32.99 -19.65 4.62
N VAL F 102 -32.23 -18.82 5.35
CA VAL F 102 -30.95 -19.29 5.89
C VAL F 102 -31.16 -20.44 6.84
N GLN F 103 -32.14 -20.33 7.74
CA GLN F 103 -32.44 -21.44 8.65
C GLN F 103 -32.93 -22.66 7.89
N ALA F 104 -33.77 -22.46 6.87
CA ALA F 104 -34.29 -23.56 6.07
C ALA F 104 -33.28 -24.08 5.07
N GLN F 105 -32.13 -23.41 4.91
CA GLN F 105 -31.09 -23.83 3.97
C GLN F 105 -31.65 -23.92 2.55
N ASP F 106 -32.39 -22.89 2.16
CA ASP F 106 -32.99 -22.82 0.84
C ASP F 106 -32.03 -22.16 -0.14
N THR F 107 -31.90 -22.74 -1.33
CA THR F 107 -31.01 -22.25 -2.37
C THR F 107 -31.74 -21.63 -3.55
N SER F 108 -32.81 -22.27 -4.02
CA SER F 108 -33.52 -21.76 -5.18
C SER F 108 -34.06 -20.35 -4.94
N THR F 109 -34.49 -20.06 -3.71
CA THR F 109 -34.97 -18.71 -3.41
C THR F 109 -33.86 -17.68 -3.57
N LEU F 110 -32.64 -18.01 -3.14
CA LEU F 110 -31.52 -17.08 -3.30
C LEU F 110 -31.09 -16.97 -4.75
N VAL F 111 -31.19 -18.05 -5.52
CA VAL F 111 -30.79 -17.98 -6.93
C VAL F 111 -31.69 -17.02 -7.71
N LYS F 112 -32.98 -16.98 -7.38
CA LYS F 112 -33.90 -16.09 -8.08
C LYS F 112 -33.51 -14.63 -7.93
N ILE F 113 -32.77 -14.27 -6.88
CA ILE F 113 -32.35 -12.88 -6.71
C ILE F 113 -31.36 -12.52 -7.80
N PRO F 114 -31.55 -11.43 -8.54
CA PRO F 114 -30.59 -11.08 -9.59
C PRO F 114 -29.21 -10.84 -9.02
N GLY F 115 -28.19 -11.30 -9.75
CA GLY F 115 -26.82 -11.20 -9.33
C GLY F 115 -26.36 -12.29 -8.39
N VAL F 116 -27.24 -13.21 -8.00
CA VAL F 116 -26.90 -14.29 -7.07
C VAL F 116 -27.13 -15.61 -7.80
N GLY F 117 -26.11 -16.47 -7.81
CA GLY F 117 -26.18 -17.75 -8.44
C GLY F 117 -26.04 -18.90 -7.47
N LYS F 118 -25.68 -20.07 -8.01
CA LYS F 118 -25.60 -21.27 -7.19
C LYS F 118 -24.48 -21.17 -6.17
N LYS F 119 -23.27 -20.81 -6.62
CA LYS F 119 -22.15 -20.70 -5.69
C LYS F 119 -22.39 -19.59 -4.67
N THR F 120 -22.92 -18.45 -5.12
CA THR F 120 -23.22 -17.38 -4.17
C THR F 120 -24.21 -17.83 -3.11
N ALA F 121 -25.27 -18.53 -3.53
CA ALA F 121 -26.26 -19.01 -2.57
C ALA F 121 -25.63 -20.00 -1.59
N GLU F 122 -24.81 -20.91 -2.10
CA GLU F 122 -24.16 -21.89 -1.22
C GLU F 122 -23.24 -21.20 -0.22
N ARG F 123 -22.49 -20.20 -0.68
CA ARG F 123 -21.59 -19.47 0.21
C ARG F 123 -22.39 -18.73 1.29
N LEU F 124 -23.49 -18.08 0.90
CA LEU F 124 -24.32 -17.42 1.91
C LEU F 124 -24.84 -18.42 2.93
N LEU F 125 -25.34 -19.56 2.47
CA LEU F 125 -25.90 -20.54 3.40
C LEU F 125 -24.83 -21.05 4.36
N VAL F 126 -23.65 -21.40 3.84
CA VAL F 126 -22.62 -21.95 4.71
C VAL F 126 -22.10 -20.88 5.68
N GLU F 127 -21.99 -19.63 5.24
CA GLU F 127 -21.48 -18.58 6.10
C GLU F 127 -22.52 -18.06 7.11
N LEU F 128 -23.81 -18.29 6.85
CA LEU F 128 -24.85 -17.79 7.73
C LEU F 128 -25.56 -18.88 8.53
N LYS F 129 -25.22 -20.15 8.32
CA LYS F 129 -25.83 -21.21 9.12
C LYS F 129 -25.55 -21.00 10.60
N ASP F 130 -24.31 -20.68 10.95
CA ASP F 130 -23.96 -20.49 12.36
C ASP F 130 -24.56 -19.20 12.91
N ARG F 131 -24.67 -18.17 12.08
CA ARG F 131 -25.19 -16.89 12.54
C ARG F 131 -26.71 -16.93 12.61
N PHE F 132 -27.30 -15.89 13.21
CA PHE F 132 -28.73 -15.70 13.40
C PHE F 132 -29.31 -16.60 14.49
N LYS F 133 -28.51 -17.50 15.07
CA LYS F 133 -29.03 -18.32 16.16
C LYS F 133 -29.38 -17.46 17.37
N ALA F 134 -28.52 -16.50 17.72
CA ALA F 134 -28.82 -15.63 18.86
C ALA F 134 -30.04 -14.77 18.58
N TRP F 135 -30.15 -14.20 17.38
CA TRP F 135 -31.27 -13.35 17.01
C TRP F 135 -31.47 -12.23 18.03
N MET G 1 -20.02 10.08 -1.38
CA MET G 1 -20.56 10.33 0.00
C MET G 1 -21.25 11.69 0.05
N ILE G 2 -20.53 12.73 -0.34
CA ILE G 2 -21.06 14.09 -0.40
C ILE G 2 -21.49 14.37 -1.83
N GLY G 3 -22.76 14.72 -2.01
CA GLY G 3 -23.31 14.91 -3.34
C GLY G 3 -23.85 16.30 -3.59
N ARG G 4 -23.90 17.14 -2.57
CA ARG G 4 -24.41 18.49 -2.73
C ARG G 4 -24.05 19.30 -1.49
N LEU G 5 -23.73 20.58 -1.72
CA LEU G 5 -23.43 21.53 -0.65
C LEU G 5 -24.32 22.74 -0.81
N ARG G 6 -25.07 23.08 0.22
CA ARG G 6 -25.98 24.22 0.23
C ARG G 6 -25.57 25.15 1.37
N GLY G 7 -24.74 26.14 1.04
CA GLY G 7 -24.29 27.11 2.02
C GLY G 7 -24.21 28.51 1.46
N THR G 8 -23.30 29.32 1.99
CA THR G 8 -23.08 30.68 1.53
C THR G 8 -21.65 30.82 1.04
N LEU G 9 -21.48 31.52 -0.08
CA LEU G 9 -20.16 31.71 -0.67
C LEU G 9 -19.32 32.58 0.25
N ALA G 10 -18.30 31.99 0.87
CA ALA G 10 -17.47 32.72 1.83
C ALA G 10 -16.44 33.59 1.13
N GLU G 11 -15.70 33.04 0.17
CA GLU G 11 -14.73 33.80 -0.58
C GLU G 11 -14.57 33.16 -1.95
N LYS G 12 -14.01 33.95 -2.89
CA LYS G 12 -13.94 33.56 -4.30
C LYS G 12 -12.50 33.75 -4.76
N GLN G 13 -11.75 32.65 -4.81
CA GLN G 13 -10.40 32.63 -5.38
C GLN G 13 -10.35 31.59 -6.48
N PRO G 14 -10.60 31.96 -7.73
CA PRO G 14 -10.68 30.95 -8.80
C PRO G 14 -9.41 30.14 -8.89
N PRO G 15 -9.50 28.83 -9.22
CA PRO G 15 -10.73 28.08 -9.50
C PRO G 15 -11.34 27.46 -8.24
N HIS G 16 -11.05 28.02 -7.07
CA HIS G 16 -11.46 27.45 -5.80
C HIS G 16 -12.44 28.37 -5.09
N LEU G 17 -13.30 27.77 -4.26
CA LEU G 17 -14.28 28.50 -3.47
C LEU G 17 -14.30 27.94 -2.06
N ILE G 18 -14.73 28.78 -1.13
CA ILE G 18 -15.03 28.35 0.24
C ILE G 18 -16.54 28.46 0.42
N LEU G 19 -17.20 27.34 0.64
CA LEU G 19 -18.65 27.28 0.80
C LEU G 19 -18.94 27.06 2.28
N ASP G 20 -19.31 28.14 2.97
CA ASP G 20 -19.56 28.07 4.41
C ASP G 20 -20.88 27.38 4.69
N VAL G 21 -20.84 26.07 4.93
CA VAL G 21 -22.03 25.29 5.23
C VAL G 21 -22.10 25.18 6.75
N ASN G 22 -22.76 26.16 7.38
CA ASN G 22 -22.95 26.18 8.82
C ASN G 22 -21.62 26.08 9.56
N GLY G 23 -20.76 27.06 9.31
CA GLY G 23 -19.47 27.13 9.98
C GLY G 23 -18.32 26.47 9.24
N VAL G 24 -18.53 25.25 8.77
CA VAL G 24 -17.48 24.50 8.08
C VAL G 24 -17.40 25.02 6.64
N GLY G 25 -16.23 25.52 6.26
CA GLY G 25 -15.99 25.99 4.91
C GLY G 25 -15.31 24.91 4.10
N TYR G 26 -15.92 24.58 2.96
CA TYR G 26 -15.45 23.52 2.10
C TYR G 26 -14.70 24.10 0.91
N GLU G 27 -13.52 23.55 0.62
CA GLU G 27 -12.73 23.96 -0.53
C GLU G 27 -13.20 23.16 -1.74
N VAL G 28 -13.92 23.81 -2.64
CA VAL G 28 -14.46 23.19 -3.83
C VAL G 28 -13.81 23.83 -5.06
N GLU G 29 -13.30 22.99 -5.95
CA GLU G 29 -12.76 23.46 -7.23
C GLU G 29 -13.83 23.33 -8.30
N VAL G 30 -14.08 24.43 -9.01
CA VAL G 30 -15.21 24.51 -9.93
C VAL G 30 -14.72 24.90 -11.32
N PRO G 31 -15.41 24.52 -12.39
CA PRO G 31 -15.01 24.98 -13.72
C PRO G 31 -15.30 26.47 -13.91
N MET G 32 -14.64 27.04 -14.92
CA MET G 32 -14.83 28.47 -15.21
C MET G 32 -16.29 28.77 -15.56
N THR G 33 -16.98 27.83 -16.21
CA THR G 33 -18.39 28.05 -16.51
C THR G 33 -19.20 28.20 -15.23
N THR G 34 -18.91 27.37 -14.23
CA THR G 34 -19.57 27.52 -12.94
C THR G 34 -19.23 28.86 -12.30
N LEU G 35 -17.95 29.26 -12.38
CA LEU G 35 -17.54 30.52 -11.77
C LEU G 35 -18.29 31.69 -12.38
N TYR G 36 -18.47 31.67 -13.71
CA TYR G 36 -19.18 32.75 -14.39
C TYR G 36 -20.66 32.81 -14.03
N ARG G 37 -21.16 31.89 -13.19
CA ARG G 37 -22.55 31.87 -12.78
C ARG G 37 -22.77 32.08 -11.29
N LEU G 38 -21.72 31.95 -10.47
CA LEU G 38 -21.90 32.05 -9.03
C LEU G 38 -22.31 33.47 -8.63
N PRO G 39 -23.05 33.62 -7.52
CA PRO G 39 -23.40 34.97 -7.05
C PRO G 39 -22.21 35.66 -6.42
N SER G 40 -22.43 36.86 -5.88
CA SER G 40 -21.38 37.57 -5.18
C SER G 40 -21.07 36.91 -3.84
N VAL G 41 -19.91 37.24 -3.30
CA VAL G 41 -19.48 36.66 -2.02
C VAL G 41 -20.46 37.08 -0.93
N GLY G 42 -20.89 36.11 -0.12
CA GLY G 42 -21.83 36.35 0.96
C GLY G 42 -23.26 35.97 0.65
N GLU G 43 -23.54 35.42 -0.53
CA GLU G 43 -24.89 35.03 -0.91
C GLU G 43 -25.00 33.51 -0.99
N PRO G 44 -26.18 32.95 -0.75
CA PRO G 44 -26.32 31.49 -0.80
C PRO G 44 -26.06 30.95 -2.20
N VAL G 45 -25.49 29.74 -2.24
CA VAL G 45 -25.21 29.06 -3.51
C VAL G 45 -25.24 27.56 -3.24
N THR G 46 -25.81 26.82 -4.19
CA THR G 46 -25.90 25.37 -4.11
C THR G 46 -25.04 24.75 -5.20
N LEU G 47 -24.15 23.84 -4.82
CA LEU G 47 -23.26 23.15 -5.74
C LEU G 47 -23.44 21.65 -5.60
N HIS G 48 -23.45 20.96 -6.73
CA HIS G 48 -23.54 19.50 -6.77
C HIS G 48 -22.10 18.99 -6.86
N THR G 49 -21.53 18.66 -5.70
CA THR G 49 -20.12 18.35 -5.60
C THR G 49 -19.87 16.85 -5.76
N HIS G 50 -18.67 16.52 -6.24
CA HIS G 50 -18.19 15.16 -6.33
C HIS G 50 -16.93 15.03 -5.48
N LEU G 51 -16.94 14.10 -4.55
CA LEU G 51 -15.84 13.94 -3.61
C LEU G 51 -14.81 12.95 -4.17
N VAL G 52 -13.60 13.43 -4.41
CA VAL G 52 -12.51 12.60 -4.88
C VAL G 52 -11.63 12.26 -3.69
N VAL G 53 -11.45 10.97 -3.44
CA VAL G 53 -10.70 10.48 -2.29
C VAL G 53 -9.45 9.78 -2.80
N ARG G 54 -8.29 10.21 -2.31
CA ARG G 54 -7.00 9.58 -2.60
C ARG G 54 -6.39 9.07 -1.30
N GLU G 55 -5.20 8.49 -1.42
CA GLU G 55 -4.48 8.01 -0.25
C GLU G 55 -3.83 9.13 0.55
N ASP G 56 -3.76 10.35 0.00
CA ASP G 56 -3.08 11.45 0.66
C ASP G 56 -3.84 12.77 0.56
N ALA G 57 -5.10 12.75 0.13
CA ALA G 57 -5.86 13.99 0.03
C ALA G 57 -7.32 13.68 -0.24
N HIS G 58 -8.18 14.57 0.25
CA HIS G 58 -9.61 14.54 -0.02
C HIS G 58 -9.99 15.83 -0.72
N LEU G 59 -10.53 15.72 -1.93
CA LEU G 59 -10.80 16.87 -2.78
C LEU G 59 -12.27 16.90 -3.16
N LEU G 60 -12.82 18.11 -3.27
CA LEU G 60 -14.21 18.33 -3.65
C LEU G 60 -14.24 19.12 -4.95
N TYR G 61 -15.16 18.73 -5.85
CA TYR G 61 -15.32 19.38 -7.14
C TYR G 61 -16.79 19.74 -7.31
N GLY G 62 -17.11 21.03 -7.24
CA GLY G 62 -18.48 21.49 -7.30
C GLY G 62 -18.89 21.91 -8.70
N PHE G 63 -20.19 21.79 -8.97
CA PHE G 63 -20.76 22.19 -10.25
C PHE G 63 -22.12 22.81 -10.02
N ALA G 64 -22.53 23.67 -10.95
CA ALA G 64 -23.81 24.37 -10.83
C ALA G 64 -25.00 23.49 -11.19
N GLU G 65 -24.77 22.38 -11.88
CA GLU G 65 -25.85 21.50 -12.32
C GLU G 65 -25.46 20.05 -12.06
N LYS G 66 -26.48 19.19 -11.93
CA LYS G 66 -26.23 17.78 -11.68
C LYS G 66 -25.66 17.08 -12.90
N ARG G 67 -26.12 17.45 -14.10
CA ARG G 67 -25.59 16.84 -15.31
C ARG G 67 -24.10 17.10 -15.45
N GLU G 68 -23.65 18.29 -15.04
CA GLU G 68 -22.21 18.58 -15.07
C GLU G 68 -21.44 17.64 -14.14
N ARG G 69 -21.98 17.38 -12.94
CA ARG G 69 -21.32 16.46 -12.03
C ARG G 69 -21.29 15.04 -12.60
N GLU G 70 -22.39 14.61 -13.21
CA GLU G 70 -22.42 13.29 -13.82
C GLU G 70 -21.38 13.18 -14.93
N LEU G 71 -21.30 14.21 -15.79
CA LEU G 71 -20.32 14.20 -16.86
C LEU G 71 -18.90 14.19 -16.30
N PHE G 72 -18.66 14.94 -15.23
CA PHE G 72 -17.34 14.94 -14.60
C PHE G 72 -16.98 13.56 -14.09
N ARG G 73 -17.92 12.89 -13.43
CA ARG G 73 -17.64 11.54 -12.94
C ARG G 73 -17.35 10.59 -14.10
N GLU G 74 -18.13 10.68 -15.17
CA GLU G 74 -17.87 9.84 -16.34
C GLU G 74 -16.47 10.10 -16.89
N LEU G 75 -16.10 11.38 -17.01
CA LEU G 75 -14.81 11.73 -17.58
C LEU G 75 -13.65 11.23 -16.72
N ILE G 76 -13.76 11.38 -15.40
CA ILE G 76 -12.67 10.97 -14.52
C ILE G 76 -12.61 9.46 -14.33
N ARG G 77 -13.71 8.74 -14.58
CA ARG G 77 -13.62 7.28 -14.54
C ARG G 77 -12.70 6.73 -15.62
N LEU G 78 -12.38 7.53 -16.63
CA LEU G 78 -11.45 7.09 -17.67
C LEU G 78 -10.05 6.94 -17.09
N ASN G 79 -9.27 6.03 -17.68
CA ASN G 79 -7.95 5.71 -17.19
C ASN G 79 -6.89 6.73 -17.61
N GLY G 80 -7.17 7.56 -18.60
CA GLY G 80 -6.21 8.54 -19.06
C GLY G 80 -6.59 9.97 -18.71
N VAL G 81 -7.75 10.15 -18.08
CA VAL G 81 -8.28 11.47 -17.75
C VAL G 81 -8.36 11.58 -16.23
N GLY G 82 -7.83 12.69 -15.70
CA GLY G 82 -7.91 12.98 -14.29
C GLY G 82 -8.83 14.15 -14.02
N PRO G 83 -8.95 14.53 -12.74
CA PRO G 83 -9.84 15.66 -12.41
C PRO G 83 -9.47 16.94 -13.12
N LYS G 84 -8.18 17.23 -13.29
CA LYS G 84 -7.78 18.47 -13.94
C LYS G 84 -8.15 18.48 -15.41
N LEU G 85 -7.93 17.37 -16.12
CA LEU G 85 -8.29 17.30 -17.53
C LEU G 85 -9.80 17.41 -17.70
N ALA G 86 -10.57 16.74 -16.84
CA ALA G 86 -12.03 16.85 -16.93
C ALA G 86 -12.49 18.26 -16.66
N LEU G 87 -11.89 18.93 -15.67
CA LEU G 87 -12.25 20.31 -15.38
C LEU G 87 -11.92 21.22 -16.57
N ALA G 88 -10.77 21.01 -17.20
CA ALA G 88 -10.43 21.80 -18.38
C ALA G 88 -11.42 21.56 -19.52
N LEU G 89 -11.79 20.29 -19.73
CA LEU G 89 -12.76 19.97 -20.78
C LEU G 89 -14.08 20.66 -20.52
N MET G 90 -14.55 20.63 -19.27
CA MET G 90 -15.84 21.21 -18.93
C MET G 90 -15.80 22.74 -18.92
N SER G 91 -14.63 23.32 -18.65
CA SER G 91 -14.50 24.77 -18.75
C SER G 91 -14.46 25.24 -20.19
N GLY G 92 -13.76 24.51 -21.06
CA GLY G 92 -13.70 24.87 -22.47
C GLY G 92 -15.03 24.73 -23.18
N LEU G 93 -15.76 23.67 -22.87
CA LEU G 93 -17.04 23.38 -23.51
C LEU G 93 -18.09 23.04 -22.46
N GLU G 94 -19.33 23.38 -22.76
CA GLU G 94 -20.46 22.95 -21.95
C GLU G 94 -20.83 21.52 -22.29
N VAL G 95 -21.81 20.98 -21.55
CA VAL G 95 -22.19 19.58 -21.72
C VAL G 95 -22.77 19.34 -23.12
N ASP G 96 -23.64 20.25 -23.57
CA ASP G 96 -24.38 19.99 -24.82
C ASP G 96 -23.43 19.89 -26.01
N GLU G 97 -22.58 20.90 -26.21
CA GLU G 97 -21.68 20.86 -27.36
C GLU G 97 -20.54 19.87 -27.18
N LEU G 98 -20.15 19.56 -25.95
CA LEU G 98 -19.21 18.46 -25.74
C LEU G 98 -19.81 17.13 -26.20
N VAL G 99 -21.09 16.90 -25.87
CA VAL G 99 -21.78 15.70 -26.33
C VAL G 99 -21.87 15.69 -27.85
N ARG G 100 -22.22 16.84 -28.43
CA ARG G 100 -22.30 16.93 -29.89
C ARG G 100 -20.95 16.60 -30.52
N CYS G 101 -19.87 17.14 -29.96
CA CYS G 101 -18.54 16.88 -30.50
C CYS G 101 -18.17 15.41 -30.39
N VAL G 102 -18.44 14.78 -29.25
CA VAL G 102 -18.12 13.36 -29.08
C VAL G 102 -18.91 12.52 -30.07
N GLN G 103 -20.21 12.83 -30.23
CA GLN G 103 -21.03 12.10 -31.18
C GLN G 103 -20.64 12.40 -32.63
N ALA G 104 -19.98 13.52 -32.89
CA ALA G 104 -19.56 13.88 -34.24
C ALA G 104 -18.14 13.46 -34.57
N GLN G 105 -17.41 12.89 -33.61
CA GLN G 105 -16.03 12.44 -33.82
C GLN G 105 -15.18 13.58 -34.41
N ASP G 106 -15.26 14.75 -33.78
CA ASP G 106 -14.56 15.94 -34.23
C ASP G 106 -13.49 16.29 -33.20
N THR G 107 -12.28 15.76 -33.41
CA THR G 107 -11.17 16.05 -32.52
C THR G 107 -10.74 17.51 -32.58
N SER G 108 -11.07 18.22 -33.66
CA SER G 108 -10.61 19.58 -33.82
C SER G 108 -11.06 20.46 -32.66
N THR G 109 -12.35 20.40 -32.31
CA THR G 109 -12.85 21.21 -31.21
C THR G 109 -12.18 20.84 -29.89
N LEU G 110 -11.96 19.54 -29.65
CA LEU G 110 -11.32 19.13 -28.41
C LEU G 110 -9.89 19.65 -28.30
N VAL G 111 -9.16 19.71 -29.43
CA VAL G 111 -7.78 20.15 -29.36
C VAL G 111 -7.67 21.60 -28.90
N LYS G 112 -8.61 22.46 -29.30
CA LYS G 112 -8.54 23.87 -28.90
C LYS G 112 -8.58 24.05 -27.39
N ILE G 113 -9.11 23.07 -26.66
CA ILE G 113 -9.21 23.17 -25.20
C ILE G 113 -7.80 23.13 -24.61
N PRO G 114 -7.40 24.11 -23.81
CA PRO G 114 -6.06 24.06 -23.21
C PRO G 114 -5.89 22.83 -22.32
N GLY G 115 -4.71 22.23 -22.37
CA GLY G 115 -4.42 21.01 -21.67
C GLY G 115 -4.85 19.76 -22.38
N VAL G 116 -5.60 19.87 -23.46
CA VAL G 116 -6.07 18.74 -24.24
C VAL G 116 -5.33 18.76 -25.57
N GLY G 117 -4.60 17.68 -25.84
CA GLY G 117 -3.87 17.57 -27.09
C GLY G 117 -4.61 16.73 -28.10
N LYS G 118 -3.89 15.88 -28.81
CA LYS G 118 -4.48 14.99 -29.81
C LYS G 118 -4.71 13.59 -29.24
N LYS G 119 -3.62 12.94 -28.79
CA LYS G 119 -3.72 11.56 -28.33
C LYS G 119 -4.84 11.40 -27.32
N THR G 120 -4.86 12.27 -26.31
CA THR G 120 -5.96 12.26 -25.36
C THR G 120 -7.29 12.56 -26.05
N ALA G 121 -7.27 13.33 -27.13
CA ALA G 121 -8.51 13.66 -27.83
C ALA G 121 -9.17 12.41 -28.40
N GLU G 122 -8.43 11.63 -29.20
CA GLU G 122 -9.05 10.42 -29.75
C GLU G 122 -9.23 9.34 -28.69
N ARG G 123 -8.40 9.33 -27.64
CA ARG G 123 -8.69 8.41 -26.54
C ARG G 123 -10.04 8.74 -25.90
N LEU G 124 -10.31 10.03 -25.67
CA LEU G 124 -11.60 10.44 -25.12
C LEU G 124 -12.74 10.08 -26.06
N LEU G 125 -12.55 10.31 -27.36
CA LEU G 125 -13.60 9.97 -28.32
C LEU G 125 -13.89 8.47 -28.29
N VAL G 126 -12.85 7.64 -28.28
CA VAL G 126 -13.04 6.20 -28.27
C VAL G 126 -13.76 5.76 -27.00
N GLU G 127 -13.32 6.30 -25.85
CA GLU G 127 -13.89 5.87 -24.58
C GLU G 127 -15.26 6.46 -24.32
N LEU G 128 -15.69 7.47 -25.08
CA LEU G 128 -17.01 8.06 -24.92
C LEU G 128 -17.93 7.80 -26.11
N LYS G 129 -17.52 6.98 -27.08
CA LYS G 129 -18.43 6.63 -28.17
C LYS G 129 -19.79 6.16 -27.64
N ASP G 130 -19.78 5.22 -26.70
CA ASP G 130 -20.99 4.57 -26.22
C ASP G 130 -21.02 4.51 -24.70
N ARG G 131 -20.71 5.64 -24.06
CA ARG G 131 -20.75 5.74 -22.61
C ARG G 131 -22.00 6.43 -22.09
N PHE G 132 -22.58 7.35 -22.87
CA PHE G 132 -23.74 8.13 -22.46
C PHE G 132 -24.69 8.28 -23.64
N LYS G 133 -25.90 8.77 -23.36
CA LYS G 133 -26.95 8.89 -24.34
C LYS G 133 -27.00 10.32 -24.90
N ALA G 134 -27.94 10.58 -25.80
CA ALA G 134 -28.06 11.90 -26.41
C ALA G 134 -28.32 12.97 -25.35
N TRP G 135 -28.94 12.61 -24.25
CA TRP G 135 -29.23 13.57 -23.17
C TRP G 135 -30.06 14.73 -23.69
N MET H 1 -8.54 14.79 14.31
CA MET H 1 -9.32 15.88 13.65
C MET H 1 -10.57 16.21 14.46
N ILE H 2 -11.18 15.17 15.03
CA ILE H 2 -12.37 15.32 15.86
C ILE H 2 -11.96 15.04 17.30
N GLY H 3 -12.20 16.00 18.19
CA GLY H 3 -11.78 15.87 19.57
C GLY H 3 -12.90 16.01 20.57
N ARG H 4 -14.11 16.33 20.10
CA ARG H 4 -15.25 16.47 20.99
C ARG H 4 -16.53 16.41 20.17
N LEU H 5 -17.58 15.88 20.78
CA LEU H 5 -18.90 15.81 20.16
C LEU H 5 -19.93 16.22 21.21
N ARG H 6 -20.62 17.33 20.96
CA ARG H 6 -21.65 17.85 21.84
C ARG H 6 -22.97 17.78 21.09
N GLY H 7 -23.78 16.76 21.39
CA GLY H 7 -25.05 16.56 20.73
C GLY H 7 -26.05 15.95 21.68
N THR H 8 -26.98 15.18 21.12
CA THR H 8 -28.03 14.53 21.88
C THR H 8 -27.91 13.02 21.70
N LEU H 9 -28.01 12.29 22.81
CA LEU H 9 -27.94 10.83 22.77
C LEU H 9 -29.17 10.29 22.08
N ALA H 10 -29.01 9.80 20.85
CA ALA H 10 -30.12 9.31 20.06
C ALA H 10 -30.38 7.82 20.31
N GLU H 11 -29.32 7.01 20.35
CA GLU H 11 -29.44 5.60 20.62
C GLU H 11 -28.37 5.19 21.62
N LYS H 12 -28.65 4.11 22.35
CA LYS H 12 -27.73 3.64 23.39
C LYS H 12 -27.85 2.11 23.45
N GLN H 13 -26.99 1.42 22.72
CA GLN H 13 -26.83 -0.02 22.83
C GLN H 13 -25.35 -0.27 23.10
N PRO H 14 -24.98 -0.83 24.25
CA PRO H 14 -23.57 -0.93 24.57
C PRO H 14 -22.85 -1.81 23.56
N PRO H 15 -21.55 -1.55 23.32
CA PRO H 15 -20.75 -0.47 23.90
C PRO H 15 -20.79 0.83 23.07
N HIS H 16 -21.67 0.88 22.09
CA HIS H 16 -21.72 1.99 21.14
C HIS H 16 -22.84 2.96 21.50
N LEU H 17 -22.74 4.17 20.94
CA LEU H 17 -23.74 5.21 21.10
C LEU H 17 -24.00 5.85 19.74
N ILE H 18 -25.04 6.68 19.69
CA ILE H 18 -25.33 7.50 18.51
C ILE H 18 -25.63 8.91 19.02
N LEU H 19 -24.70 9.84 18.78
CA LEU H 19 -24.86 11.23 19.17
C LEU H 19 -25.40 12.01 17.98
N ASP H 20 -26.64 12.49 18.10
CA ASP H 20 -27.27 13.27 17.04
C ASP H 20 -26.75 14.70 17.11
N VAL H 21 -25.64 14.95 16.41
CA VAL H 21 -25.02 16.28 16.37
C VAL H 21 -25.60 16.98 15.15
N ASN H 22 -26.71 17.69 15.37
CA ASN H 22 -27.36 18.48 14.31
C ASN H 22 -27.74 17.59 13.12
N GLY H 23 -28.32 16.44 13.41
CA GLY H 23 -28.82 15.56 12.36
C GLY H 23 -27.89 14.39 12.06
N VAL H 24 -26.59 14.64 12.05
CA VAL H 24 -25.62 13.59 11.76
C VAL H 24 -25.41 12.78 13.03
N GLY H 25 -25.76 11.50 12.97
CA GLY H 25 -25.60 10.62 14.11
C GLY H 25 -24.27 9.91 14.10
N TYR H 26 -23.34 10.35 14.94
CA TYR H 26 -22.02 9.74 15.01
C TYR H 26 -22.07 8.51 15.90
N GLU H 27 -21.59 7.39 15.37
CA GLU H 27 -21.56 6.13 16.12
C GLU H 27 -20.25 6.08 16.89
N VAL H 28 -20.35 6.11 18.22
CA VAL H 28 -19.19 6.26 19.10
C VAL H 28 -19.16 5.07 20.05
N GLU H 29 -17.97 4.49 20.21
CA GLU H 29 -17.75 3.39 21.15
C GLU H 29 -17.19 3.95 22.46
N VAL H 30 -17.79 3.54 23.57
CA VAL H 30 -17.43 4.09 24.87
C VAL H 30 -17.11 2.95 25.84
N PRO H 31 -16.28 3.18 26.86
CA PRO H 31 -16.06 2.13 27.87
C PRO H 31 -17.26 1.99 28.79
N MET H 32 -17.18 0.97 29.66
CA MET H 32 -18.24 0.74 30.62
C MET H 32 -18.38 1.91 31.59
N THR H 33 -17.25 2.47 32.01
CA THR H 33 -17.27 3.58 32.96
C THR H 33 -18.02 4.78 32.37
N THR H 34 -17.76 5.09 31.09
CA THR H 34 -18.49 6.17 30.44
C THR H 34 -19.98 5.85 30.35
N LEU H 35 -20.32 4.61 30.02
CA LEU H 35 -21.72 4.23 29.92
C LEU H 35 -22.44 4.38 31.25
N TYR H 36 -21.75 4.13 32.35
CA TYR H 36 -22.35 4.29 33.67
C TYR H 36 -22.49 5.75 34.09
N ARG H 37 -22.26 6.69 33.17
CA ARG H 37 -22.38 8.11 33.46
C ARG H 37 -23.29 8.86 32.49
N LEU H 38 -23.63 8.28 31.34
CA LEU H 38 -24.46 8.99 30.38
C LEU H 38 -25.90 9.07 30.87
N PRO H 39 -26.61 10.16 30.55
CA PRO H 39 -28.05 10.21 30.89
C PRO H 39 -28.87 9.27 30.02
N SER H 40 -30.19 9.32 30.17
CA SER H 40 -31.07 8.52 29.35
C SER H 40 -31.08 9.05 27.91
N VAL H 41 -31.62 8.23 27.00
CA VAL H 41 -31.66 8.61 25.59
C VAL H 41 -32.46 9.90 25.44
N GLY H 42 -32.04 10.73 24.49
CA GLY H 42 -32.69 11.99 24.23
C GLY H 42 -32.14 13.17 25.00
N GLU H 43 -31.19 12.96 25.91
CA GLU H 43 -30.63 14.06 26.68
C GLU H 43 -29.29 14.49 26.10
N PRO H 44 -28.92 15.76 26.22
CA PRO H 44 -27.63 16.20 25.66
C PRO H 44 -26.46 15.54 26.37
N VAL H 45 -25.41 15.25 25.60
CA VAL H 45 -24.18 14.67 26.13
C VAL H 45 -23.00 15.35 25.46
N THR H 46 -21.84 15.21 26.08
CA THR H 46 -20.58 15.74 25.55
C THR H 46 -19.50 14.71 25.78
N LEU H 47 -18.93 14.19 24.69
CA LEU H 47 -17.88 13.19 24.74
C LEU H 47 -16.61 13.75 24.13
N HIS H 48 -15.47 13.44 24.75
CA HIS H 48 -14.16 13.81 24.23
C HIS H 48 -13.67 12.65 23.39
N THR H 49 -13.99 12.69 22.10
CA THR H 49 -13.77 11.55 21.23
C THR H 49 -12.34 11.53 20.68
N HIS H 50 -11.94 10.34 20.22
CA HIS H 50 -10.67 10.15 19.53
C HIS H 50 -10.95 9.39 18.25
N LEU H 51 -10.57 9.98 17.11
CA LEU H 51 -10.86 9.40 15.81
C LEU H 51 -9.70 8.50 15.39
N VAL H 52 -9.98 7.22 15.23
CA VAL H 52 -9.00 6.23 14.77
C VAL H 52 -9.24 5.98 13.29
N VAL H 53 -8.24 6.23 12.46
CA VAL H 53 -8.35 6.11 11.01
C VAL H 53 -7.45 4.97 10.57
N ARG H 54 -8.04 4.02 9.85
CA ARG H 54 -7.31 2.90 9.26
C ARG H 54 -7.45 2.97 7.74
N GLU H 55 -6.88 1.97 7.07
CA GLU H 55 -6.96 1.90 5.61
C GLU H 55 -8.37 1.57 5.14
N ASP H 56 -9.22 1.03 6.01
CA ASP H 56 -10.54 0.58 5.58
C ASP H 56 -11.66 0.93 6.57
N ALA H 57 -11.43 1.85 7.50
CA ALA H 57 -12.49 2.21 8.45
C ALA H 57 -12.09 3.47 9.20
N HIS H 58 -13.10 4.27 9.54
CA HIS H 58 -12.95 5.41 10.44
C HIS H 58 -13.76 5.11 11.70
N LEU H 59 -13.11 5.15 12.85
CA LEU H 59 -13.73 4.78 14.11
C LEU H 59 -13.61 5.93 15.11
N LEU H 60 -14.64 6.09 15.94
CA LEU H 60 -14.68 7.10 16.98
C LEU H 60 -14.79 6.43 18.34
N TYR H 61 -14.04 6.95 19.31
CA TYR H 61 -14.04 6.42 20.67
C TYR H 61 -14.26 7.60 21.62
N GLY H 62 -15.41 7.61 22.29
CA GLY H 62 -15.79 8.71 23.15
C GLY H 62 -15.54 8.43 24.62
N PHE H 63 -15.23 9.49 25.36
CA PHE H 63 -14.98 9.40 26.78
C PHE H 63 -15.61 10.60 27.48
N ALA H 64 -16.02 10.39 28.73
CA ALA H 64 -16.67 11.46 29.48
C ALA H 64 -15.70 12.53 29.95
N GLU H 65 -14.40 12.23 30.00
CA GLU H 65 -13.40 13.17 30.47
C GLU H 65 -12.23 13.21 29.49
N LYS H 66 -11.54 14.35 29.45
CA LYS H 66 -10.38 14.49 28.58
C LYS H 66 -9.21 13.65 29.07
N ARG H 67 -9.10 13.46 30.39
CA ARG H 67 -8.06 12.60 30.93
C ARG H 67 -8.19 11.18 30.38
N GLU H 68 -9.41 10.67 30.31
CA GLU H 68 -9.63 9.35 29.75
C GLU H 68 -9.20 9.29 28.29
N ARG H 69 -9.53 10.31 27.51
CA ARG H 69 -9.15 10.33 26.10
C ARG H 69 -7.64 10.36 25.93
N GLU H 70 -6.95 11.17 26.74
CA GLU H 70 -5.49 11.22 26.66
C GLU H 70 -4.89 9.86 27.03
N LEU H 71 -5.40 9.24 28.09
CA LEU H 71 -4.90 7.93 28.47
C LEU H 71 -5.14 6.91 27.36
N PHE H 72 -6.31 6.97 26.73
CA PHE H 72 -6.60 6.05 25.63
C PHE H 72 -5.64 6.26 24.47
N ARG H 73 -5.36 7.52 24.13
CA ARG H 73 -4.42 7.78 23.04
C ARG H 73 -3.04 7.25 23.37
N GLU H 74 -2.57 7.48 24.59
CA GLU H 74 -1.25 6.97 24.97
C GLU H 74 -1.24 5.45 24.95
N LEU H 75 -2.32 4.81 25.40
CA LEU H 75 -2.37 3.35 25.44
C LEU H 75 -2.34 2.77 24.03
N ILE H 76 -3.20 3.26 23.14
CA ILE H 76 -3.22 2.73 21.78
C ILE H 76 -1.94 3.09 21.03
N ARG H 77 -1.25 4.15 21.44
CA ARG H 77 0.05 4.44 20.84
C ARG H 77 1.04 3.31 21.04
N LEU H 78 0.82 2.45 22.04
CA LEU H 78 1.70 1.32 22.27
C LEU H 78 1.59 0.32 21.12
N ASN H 79 2.72 -0.35 20.85
CA ASN H 79 2.79 -1.27 19.72
C ASN H 79 1.83 -2.45 19.89
N GLY H 80 1.78 -3.03 21.10
CA GLY H 80 0.98 -4.20 21.35
C GLY H 80 -0.42 -3.94 21.86
N VAL H 81 -0.86 -2.69 21.89
CA VAL H 81 -2.17 -2.33 22.43
C VAL H 81 -2.97 -1.65 21.32
N GLY H 82 -4.21 -2.10 21.15
CA GLY H 82 -5.13 -1.50 20.22
C GLY H 82 -6.35 -0.94 20.90
N PRO H 83 -7.29 -0.39 20.12
CA PRO H 83 -8.47 0.24 20.74
C PRO H 83 -9.26 -0.70 21.63
N LYS H 84 -9.42 -1.96 21.24
CA LYS H 84 -10.21 -2.89 22.05
C LYS H 84 -9.54 -3.17 23.38
N LEU H 85 -8.23 -3.43 23.36
CA LEU H 85 -7.52 -3.70 24.61
C LEU H 85 -7.50 -2.47 25.51
N ALA H 86 -7.31 -1.29 24.93
CA ALA H 86 -7.32 -0.06 25.73
C ALA H 86 -8.70 0.17 26.34
N LEU H 87 -9.76 -0.08 25.58
CA LEU H 87 -11.11 0.06 26.11
C LEU H 87 -11.36 -0.92 27.24
N ALA H 88 -10.88 -2.17 27.09
CA ALA H 88 -11.01 -3.13 28.18
C ALA H 88 -10.26 -2.66 29.42
N LEU H 89 -9.05 -2.14 29.24
CA LEU H 89 -8.28 -1.63 30.37
C LEU H 89 -9.02 -0.52 31.08
N MET H 90 -9.58 0.42 30.31
CA MET H 90 -10.25 1.58 30.90
C MET H 90 -11.58 1.21 31.51
N SER H 91 -12.24 0.16 31.01
CA SER H 91 -13.47 -0.31 31.64
C SER H 91 -13.19 -1.05 32.94
N GLY H 92 -12.12 -1.86 32.96
CA GLY H 92 -11.80 -2.59 34.17
C GLY H 92 -11.32 -1.69 35.30
N LEU H 93 -10.54 -0.66 34.97
CA LEU H 93 -9.93 0.22 35.95
C LEU H 93 -10.13 1.67 35.55
N GLU H 94 -10.19 2.54 36.55
CA GLU H 94 -10.22 3.98 36.30
C GLU H 94 -8.81 4.50 36.04
N VAL H 95 -8.72 5.78 35.69
CA VAL H 95 -7.42 6.37 35.36
C VAL H 95 -6.50 6.33 36.56
N ASP H 96 -7.01 6.70 37.74
CA ASP H 96 -6.17 6.72 38.93
C ASP H 96 -5.69 5.32 39.30
N GLU H 97 -6.58 4.34 39.24
CA GLU H 97 -6.20 2.97 39.57
C GLU H 97 -5.14 2.45 38.61
N LEU H 98 -5.32 2.68 37.31
CA LEU H 98 -4.32 2.25 36.33
C LEU H 98 -3.00 2.95 36.57
N VAL H 99 -3.04 4.24 36.87
CA VAL H 99 -1.81 4.99 37.10
C VAL H 99 -1.05 4.42 38.29
N ARG H 100 -1.75 4.23 39.42
CA ARG H 100 -1.06 3.72 40.61
C ARG H 100 -0.58 2.29 40.39
N CYS H 101 -1.30 1.50 39.58
CA CYS H 101 -0.80 0.18 39.23
C CYS H 101 0.49 0.28 38.44
N VAL H 102 0.56 1.23 37.51
CA VAL H 102 1.78 1.39 36.71
C VAL H 102 2.95 1.81 37.59
N GLN H 103 2.74 2.80 38.45
CA GLN H 103 3.82 3.28 39.32
C GLN H 103 4.28 2.18 40.28
N ALA H 104 3.34 1.44 40.84
CA ALA H 104 3.67 0.40 41.82
C ALA H 104 4.09 -0.91 41.18
N GLN H 105 4.00 -1.04 39.85
CA GLN H 105 4.36 -2.27 39.16
C GLN H 105 3.55 -3.45 39.69
N ASP H 106 2.23 -3.33 39.56
CA ASP H 106 1.30 -4.35 40.03
C ASP H 106 0.72 -5.08 38.83
N THR H 107 0.91 -6.40 38.79
CA THR H 107 0.40 -7.23 37.71
C THR H 107 -0.89 -7.96 38.07
N SER H 108 -1.10 -8.25 39.35
CA SER H 108 -2.32 -8.94 39.75
C SER H 108 -3.55 -8.09 39.46
N THR H 109 -3.48 -6.79 39.71
CA THR H 109 -4.59 -5.88 39.44
C THR H 109 -4.86 -5.70 37.96
N LEU H 110 -3.88 -5.98 37.09
CA LEU H 110 -4.06 -5.81 35.66
C LEU H 110 -4.48 -7.11 34.97
N VAL H 111 -4.08 -8.26 35.50
CA VAL H 111 -4.44 -9.52 34.86
C VAL H 111 -5.93 -9.83 34.99
N LYS H 112 -6.57 -9.41 36.10
CA LYS H 112 -7.99 -9.69 36.27
C LYS H 112 -8.83 -9.08 35.17
N ILE H 113 -8.34 -8.05 34.50
CA ILE H 113 -9.11 -7.43 33.41
C ILE H 113 -9.27 -8.43 32.27
N PRO H 114 -10.48 -8.70 31.80
CA PRO H 114 -10.62 -9.65 30.69
C PRO H 114 -9.87 -9.17 29.46
N GLY H 115 -9.25 -10.11 28.76
CA GLY H 115 -8.45 -9.81 27.59
C GLY H 115 -7.01 -9.43 27.89
N VAL H 116 -6.63 -9.32 29.17
CA VAL H 116 -5.29 -8.95 29.57
C VAL H 116 -4.66 -10.13 30.30
N GLY H 117 -3.52 -10.60 29.80
CA GLY H 117 -2.80 -11.69 30.40
C GLY H 117 -1.48 -11.26 31.02
N LYS H 118 -0.65 -12.24 31.33
CA LYS H 118 0.63 -11.96 31.97
C LYS H 118 1.54 -11.16 31.05
N LYS H 119 1.73 -11.64 29.82
CA LYS H 119 2.64 -10.97 28.89
C LYS H 119 2.15 -9.57 28.57
N THR H 120 0.84 -9.41 28.32
CA THR H 120 0.30 -8.09 28.03
C THR H 120 0.50 -7.15 29.20
N ALA H 121 0.28 -7.65 30.43
CA ALA H 121 0.50 -6.80 31.60
C ALA H 121 1.96 -6.40 31.73
N GLU H 122 2.88 -7.33 31.46
CA GLU H 122 4.30 -7.00 31.53
C GLU H 122 4.66 -5.92 30.52
N ARG H 123 4.18 -6.06 29.28
CA ARG H 123 4.45 -5.04 28.27
C ARG H 123 3.85 -3.70 28.67
N LEU H 124 2.62 -3.71 29.20
CA LEU H 124 1.98 -2.47 29.62
C LEU H 124 2.79 -1.79 30.71
N LEU H 125 3.25 -2.56 31.70
CA LEU H 125 4.02 -1.98 32.79
C LEU H 125 5.32 -1.39 32.28
N VAL H 126 6.07 -2.14 31.48
CA VAL H 126 7.36 -1.65 31.02
C VAL H 126 7.18 -0.39 30.18
N GLU H 127 6.17 -0.36 29.31
CA GLU H 127 5.95 0.82 28.48
C GLU H 127 5.53 2.01 29.32
N LEU H 128 4.52 1.84 30.17
CA LEU H 128 3.93 2.97 30.89
C LEU H 128 4.79 3.44 32.06
N LYS H 129 5.80 2.67 32.47
CA LYS H 129 6.73 3.18 33.48
C LYS H 129 7.46 4.41 32.98
N ASP H 130 7.88 4.40 31.72
CA ASP H 130 8.62 5.52 31.15
C ASP H 130 7.79 6.39 30.22
N ARG H 131 6.62 5.92 29.78
CA ARG H 131 5.78 6.76 28.93
C ARG H 131 5.32 8.01 29.68
N PHE H 132 4.87 7.84 30.92
CA PHE H 132 4.46 8.95 31.76
C PHE H 132 4.90 8.69 33.19
N LYS H 133 5.40 9.73 33.85
CA LYS H 133 5.85 9.65 35.23
C LYS H 133 5.04 10.55 36.15
N ALA H 134 4.89 11.83 35.81
CA ALA H 134 4.15 12.78 36.63
C ALA H 134 2.72 12.86 36.12
N TRP H 135 1.78 12.31 36.89
CA TRP H 135 0.37 12.33 36.56
C TRP H 135 -0.39 13.07 37.65
N GLU H 136 -1.20 14.04 37.26
CA GLU H 136 -1.97 14.84 38.21
C GLU H 136 -3.31 14.19 38.51
N MET I 1 7.27 -18.48 -10.45
CA MET I 1 8.49 -18.30 -11.30
C MET I 1 9.41 -19.50 -11.17
N ILE I 2 9.50 -20.06 -9.97
CA ILE I 2 10.31 -21.25 -9.69
C ILE I 2 9.35 -22.42 -9.53
N GLY I 3 9.51 -23.44 -10.36
CA GLY I 3 8.60 -24.57 -10.35
C GLY I 3 9.27 -25.90 -10.07
N ARG I 4 10.59 -25.89 -9.88
CA ARG I 4 11.31 -27.13 -9.61
C ARG I 4 12.73 -26.78 -9.18
N LEU I 5 13.25 -27.55 -8.22
CA LEU I 5 14.62 -27.42 -7.77
C LEU I 5 15.27 -28.80 -7.80
N ARG I 6 16.44 -28.89 -8.43
CA ARG I 6 17.16 -30.15 -8.59
C ARG I 6 18.58 -29.95 -8.03
N GLY I 7 18.75 -30.26 -6.74
CA GLY I 7 20.04 -30.14 -6.11
C GLY I 7 20.32 -31.29 -5.17
N THR I 8 21.16 -31.05 -4.17
CA THR I 8 21.49 -32.04 -3.15
C THR I 8 20.97 -31.59 -1.80
N LEU I 9 20.43 -32.53 -1.02
CA LEU I 9 19.90 -32.22 0.30
C LEU I 9 21.06 -31.86 1.22
N ALA I 10 21.18 -30.58 1.57
CA ALA I 10 22.25 -30.12 2.43
C ALA I 10 21.89 -30.22 3.91
N GLU I 11 20.68 -29.84 4.27
CA GLU I 11 20.21 -29.92 5.65
C GLU I 11 18.78 -30.42 5.67
N LYS I 12 18.45 -31.18 6.71
CA LYS I 12 17.11 -31.74 6.89
C LYS I 12 16.65 -31.38 8.30
N GLN I 13 16.04 -30.21 8.44
CA GLN I 13 15.49 -29.74 9.71
C GLN I 13 13.99 -29.61 9.53
N PRO I 14 13.20 -30.61 9.92
CA PRO I 14 11.76 -30.58 9.64
C PRO I 14 11.11 -29.36 10.27
N PRO I 15 10.11 -28.75 9.59
CA PRO I 15 9.56 -29.14 8.29
C PRO I 15 10.30 -28.49 7.11
N HIS I 16 11.49 -27.97 7.35
CA HIS I 16 12.23 -27.21 6.35
C HIS I 16 13.42 -28.00 5.83
N LEU I 17 13.88 -27.60 4.65
CA LEU I 17 15.01 -28.23 3.98
C LEU I 17 15.95 -27.15 3.48
N ILE I 18 17.13 -27.58 3.02
CA ILE I 18 18.09 -26.70 2.35
C ILE I 18 18.58 -27.45 1.12
N LEU I 19 18.18 -26.99 -0.07
CA LEU I 19 18.59 -27.60 -1.32
C LEU I 19 19.76 -26.80 -1.88
N ASP I 20 20.93 -27.41 -1.92
CA ASP I 20 22.14 -26.75 -2.41
C ASP I 20 22.15 -26.87 -3.93
N VAL I 21 21.50 -25.92 -4.60
CA VAL I 21 21.42 -25.90 -6.06
C VAL I 21 22.60 -25.07 -6.55
N ASN I 22 23.74 -25.72 -6.75
CA ASN I 22 24.94 -25.07 -7.26
C ASN I 22 25.37 -23.91 -6.38
N GLY I 23 25.47 -24.17 -5.08
CA GLY I 23 25.98 -23.19 -4.13
C GLY I 23 24.89 -22.48 -3.36
N VAL I 24 23.80 -22.12 -4.04
CA VAL I 24 22.70 -21.41 -3.40
C VAL I 24 21.82 -22.42 -2.67
N GLY I 25 21.72 -22.27 -1.35
CA GLY I 25 20.90 -23.16 -0.55
C GLY I 25 19.50 -22.64 -0.37
N TYR I 26 18.54 -23.19 -1.11
CA TYR I 26 17.17 -22.74 -1.04
C TYR I 26 16.46 -23.38 0.15
N GLU I 27 15.86 -22.54 0.99
CA GLU I 27 15.15 -23.02 2.19
C GLU I 27 13.72 -23.33 1.78
N VAL I 28 13.35 -24.61 1.85
CA VAL I 28 12.08 -25.11 1.34
C VAL I 28 11.34 -25.79 2.49
N GLU I 29 10.05 -25.50 2.61
CA GLU I 29 9.17 -26.13 3.58
C GLU I 29 8.33 -27.17 2.86
N VAL I 30 8.31 -28.40 3.39
CA VAL I 30 7.63 -29.50 2.72
C VAL I 30 6.72 -30.19 3.72
N PRO I 31 5.70 -30.90 3.24
CA PRO I 31 4.82 -31.64 4.16
C PRO I 31 5.56 -32.81 4.79
N MET I 32 4.90 -33.39 5.81
CA MET I 32 5.47 -34.56 6.48
C MET I 32 5.64 -35.72 5.51
N THR I 33 4.66 -35.92 4.63
CA THR I 33 4.75 -37.00 3.66
C THR I 33 5.99 -36.85 2.79
N THR I 34 6.28 -35.63 2.34
CA THR I 34 7.48 -35.40 1.54
C THR I 34 8.73 -35.72 2.33
N LEU I 35 8.79 -35.28 3.60
CA LEU I 35 9.94 -35.61 4.43
C LEU I 35 10.12 -37.11 4.56
N TYR I 36 9.02 -37.87 4.60
CA TYR I 36 9.13 -39.31 4.74
C TYR I 36 9.68 -39.98 3.48
N ARG I 37 9.80 -39.25 2.37
CA ARG I 37 10.32 -39.80 1.13
C ARG I 37 11.67 -39.23 0.70
N LEU I 38 12.17 -38.21 1.38
CA LEU I 38 13.44 -37.62 0.98
C LEU I 38 14.60 -38.59 1.25
N PRO I 39 15.68 -38.51 0.46
CA PRO I 39 16.86 -39.32 0.78
C PRO I 39 17.63 -38.77 1.97
N SER I 40 18.77 -39.38 2.28
CA SER I 40 19.60 -38.89 3.36
C SER I 40 20.28 -37.58 2.96
N VAL I 41 20.78 -36.85 3.96
CA VAL I 41 21.44 -35.58 3.70
C VAL I 41 22.67 -35.82 2.85
N GLY I 42 22.84 -35.01 1.81
CA GLY I 42 23.95 -35.13 0.89
C GLY I 42 23.63 -35.84 -0.41
N GLU I 43 22.46 -36.46 -0.51
CA GLU I 43 22.08 -37.17 -1.73
C GLU I 43 21.23 -36.27 -2.61
N PRO I 44 21.29 -36.44 -3.93
CA PRO I 44 20.46 -35.61 -4.83
C PRO I 44 18.99 -35.85 -4.59
N VAL I 45 18.20 -34.78 -4.74
CA VAL I 45 16.75 -34.86 -4.59
C VAL I 45 16.13 -33.75 -5.42
N THR I 46 14.98 -34.04 -6.04
CA THR I 46 14.26 -33.10 -6.87
C THR I 46 12.91 -32.80 -6.24
N LEU I 47 12.59 -31.51 -6.10
CA LEU I 47 11.32 -31.07 -5.54
C LEU I 47 10.62 -30.15 -6.55
N HIS I 48 9.30 -30.25 -6.58
CA HIS I 48 8.46 -29.39 -7.41
C HIS I 48 7.96 -28.26 -6.53
N THR I 49 8.72 -27.16 -6.48
CA THR I 49 8.45 -26.11 -5.53
C THR I 49 7.40 -25.14 -6.06
N HIS I 50 6.72 -24.49 -5.12
CA HIS I 50 5.77 -23.42 -5.43
C HIS I 50 6.20 -22.18 -4.64
N LEU I 51 6.41 -21.08 -5.35
CA LEU I 51 6.93 -19.86 -4.74
C LEU I 51 5.76 -18.97 -4.32
N VAL I 52 5.69 -18.66 -3.03
CA VAL I 52 4.69 -17.76 -2.49
C VAL I 52 5.35 -16.43 -2.20
N VAL I 53 4.87 -15.36 -2.83
CA VAL I 53 5.46 -14.04 -2.74
C VAL I 53 4.48 -13.13 -2.00
N ARG I 54 4.95 -12.49 -0.94
CA ARG I 54 4.19 -11.51 -0.18
C ARG I 54 4.96 -10.19 -0.18
N GLU I 55 4.40 -9.20 0.51
CA GLU I 55 5.04 -7.90 0.60
C GLU I 55 6.29 -7.90 1.47
N ASP I 56 6.48 -8.94 2.29
CA ASP I 56 7.61 -8.97 3.21
C ASP I 56 8.28 -10.34 3.31
N ALA I 57 8.06 -11.24 2.35
CA ALA I 57 8.69 -12.55 2.43
C ALA I 57 8.48 -13.29 1.12
N HIS I 58 9.50 -14.06 0.73
CA HIS I 58 9.44 -14.98 -0.40
C HIS I 58 9.63 -16.39 0.15
N LEU I 59 8.60 -17.22 0.02
CA LEU I 59 8.59 -18.55 0.61
C LEU I 59 8.51 -19.61 -0.47
N LEU I 60 9.22 -20.72 -0.25
CA LEU I 60 9.25 -21.84 -1.18
C LEU I 60 8.62 -23.06 -0.50
N TYR I 61 7.76 -23.76 -1.23
CA TYR I 61 7.09 -24.95 -0.74
C TYR I 61 7.34 -26.09 -1.73
N GLY I 62 8.11 -27.08 -1.32
CA GLY I 62 8.49 -28.18 -2.18
C GLY I 62 7.63 -29.41 -1.95
N PHE I 63 7.45 -30.19 -3.02
CA PHE I 63 6.68 -31.42 -2.97
C PHE I 63 7.35 -32.48 -3.82
N ALA I 64 7.15 -33.74 -3.42
CA ALA I 64 7.78 -34.85 -4.14
C ALA I 64 7.14 -35.07 -5.50
N GLU I 65 5.85 -34.77 -5.65
CA GLU I 65 5.12 -35.01 -6.88
C GLU I 65 4.54 -33.70 -7.41
N LYS I 66 4.41 -33.63 -8.74
CA LYS I 66 3.84 -32.43 -9.36
C LYS I 66 2.38 -32.26 -8.98
N ARG I 67 1.62 -33.36 -8.94
CA ARG I 67 0.21 -33.27 -8.56
C ARG I 67 0.04 -32.69 -7.16
N GLU I 68 0.96 -33.03 -6.26
CA GLU I 68 0.91 -32.44 -4.92
C GLU I 68 1.06 -30.93 -4.98
N ARG I 69 1.99 -30.44 -5.80
CA ARG I 69 2.17 -29.00 -5.94
C ARG I 69 0.93 -28.35 -6.54
N GLU I 70 0.33 -28.99 -7.55
CA GLU I 70 -0.89 -28.45 -8.14
C GLU I 70 -2.00 -28.35 -7.10
N LEU I 71 -2.18 -29.42 -6.31
CA LEU I 71 -3.21 -29.42 -5.28
C LEU I 71 -2.94 -28.35 -4.24
N PHE I 72 -1.68 -28.17 -3.85
CA PHE I 72 -1.33 -27.12 -2.91
C PHE I 72 -1.68 -25.75 -3.47
N ARG I 73 -1.37 -25.52 -4.74
CA ARG I 73 -1.71 -24.23 -5.35
C ARG I 73 -3.21 -23.98 -5.32
N GLU I 74 -4.00 -24.97 -5.75
CA GLU I 74 -5.44 -24.78 -5.75
C GLU I 74 -5.96 -24.56 -4.33
N LEU I 75 -5.42 -25.29 -3.36
CA LEU I 75 -5.87 -25.13 -1.98
C LEU I 75 -5.58 -23.74 -1.46
N ILE I 76 -4.38 -23.19 -1.74
CA ILE I 76 -4.04 -21.88 -1.21
C ILE I 76 -4.69 -20.75 -1.98
N ARG I 77 -5.10 -20.98 -3.23
CA ARG I 77 -5.82 -19.94 -3.96
C ARG I 77 -7.21 -19.69 -3.39
N LEU I 78 -7.70 -20.54 -2.49
CA LEU I 78 -9.00 -20.33 -1.87
C LEU I 78 -8.95 -19.11 -0.95
N ASN I 79 -10.09 -18.78 -0.36
CA ASN I 79 -10.21 -17.56 0.43
C ASN I 79 -9.60 -17.73 1.82
N GLY I 80 -10.13 -18.66 2.61
CA GLY I 80 -9.70 -18.86 3.98
C GLY I 80 -8.66 -19.94 4.17
N VAL I 81 -8.03 -20.41 3.10
CA VAL I 81 -7.03 -21.47 3.16
C VAL I 81 -5.66 -20.86 2.90
N GLY I 82 -4.67 -21.26 3.70
CA GLY I 82 -3.34 -20.72 3.60
C GLY I 82 -2.28 -21.78 3.40
N PRO I 83 -1.04 -21.35 3.18
CA PRO I 83 0.04 -22.34 3.06
C PRO I 83 0.19 -23.22 4.28
N LYS I 84 -0.03 -22.68 5.48
CA LYS I 84 0.05 -23.50 6.68
C LYS I 84 -1.08 -24.53 6.72
N LEU I 85 -2.32 -24.08 6.50
CA LEU I 85 -3.44 -25.01 6.50
C LEU I 85 -3.33 -26.00 5.34
N ALA I 86 -2.91 -25.52 4.16
CA ALA I 86 -2.73 -26.42 3.03
C ALA I 86 -1.68 -27.47 3.30
N LEU I 87 -0.56 -27.08 3.92
CA LEU I 87 0.48 -28.03 4.27
C LEU I 87 -0.02 -29.03 5.30
N ALA I 88 -0.81 -28.57 6.27
CA ALA I 88 -1.39 -29.49 7.24
C ALA I 88 -2.29 -30.51 6.55
N LEU I 89 -3.12 -30.05 5.61
CA LEU I 89 -3.97 -30.96 4.87
C LEU I 89 -3.15 -31.96 4.07
N MET I 90 -2.11 -31.50 3.39
CA MET I 90 -1.26 -32.39 2.60
C MET I 90 -0.58 -33.43 3.47
N SER I 91 -0.05 -33.02 4.62
CA SER I 91 0.59 -33.97 5.53
C SER I 91 -0.41 -34.98 6.07
N GLY I 92 -1.60 -34.51 6.47
CA GLY I 92 -2.58 -35.42 7.04
C GLY I 92 -3.12 -36.42 6.04
N LEU I 93 -3.43 -35.97 4.83
CA LEU I 93 -4.08 -36.78 3.82
C LEU I 93 -3.30 -36.76 2.52
N GLU I 94 -3.30 -37.89 1.82
CA GLU I 94 -2.71 -37.96 0.49
C GLU I 94 -3.64 -37.27 -0.52
N VAL I 95 -3.11 -37.08 -1.73
CA VAL I 95 -3.90 -36.41 -2.77
C VAL I 95 -5.14 -37.22 -3.09
N ASP I 96 -4.98 -38.53 -3.28
CA ASP I 96 -6.13 -39.38 -3.61
C ASP I 96 -7.14 -39.41 -2.47
N GLU I 97 -6.66 -39.54 -1.23
CA GLU I 97 -7.57 -39.55 -0.09
C GLU I 97 -8.31 -38.23 0.05
N LEU I 98 -7.60 -37.12 -0.15
CA LEU I 98 -8.25 -35.81 -0.07
C LEU I 98 -9.31 -35.66 -1.16
N VAL I 99 -9.01 -36.09 -2.38
CA VAL I 99 -9.98 -36.01 -3.45
C VAL I 99 -11.20 -36.87 -3.15
N ARG I 100 -10.97 -38.09 -2.66
CA ARG I 100 -12.08 -38.97 -2.32
C ARG I 100 -12.95 -38.35 -1.23
N CYS I 101 -12.32 -37.77 -0.20
CA CYS I 101 -13.09 -37.11 0.85
C CYS I 101 -13.89 -35.94 0.30
N VAL I 102 -13.29 -35.19 -0.62
CA VAL I 102 -14.01 -34.06 -1.22
C VAL I 102 -15.24 -34.56 -1.97
N GLN I 103 -15.08 -35.61 -2.77
CA GLN I 103 -16.20 -36.15 -3.52
C GLN I 103 -17.24 -36.77 -2.60
N ALA I 104 -16.80 -37.48 -1.55
CA ALA I 104 -17.69 -38.20 -0.66
C ALA I 104 -18.26 -37.33 0.45
N GLN I 105 -17.85 -36.08 0.55
CA GLN I 105 -18.34 -35.18 1.59
C GLN I 105 -18.10 -35.75 2.98
N ASP I 106 -16.96 -36.43 3.15
CA ASP I 106 -16.61 -37.05 4.42
C ASP I 106 -15.85 -36.03 5.26
N THR I 107 -16.59 -35.12 5.89
CA THR I 107 -15.97 -34.10 6.73
C THR I 107 -15.32 -34.69 7.97
N SER I 108 -15.70 -35.90 8.37
CA SER I 108 -15.12 -36.50 9.56
C SER I 108 -13.62 -36.69 9.42
N THR I 109 -13.17 -37.17 8.25
CA THR I 109 -11.74 -37.35 8.05
C THR I 109 -11.00 -36.01 8.08
N LEU I 110 -11.57 -34.98 7.46
CA LEU I 110 -10.92 -33.68 7.46
C LEU I 110 -10.81 -33.10 8.87
N VAL I 111 -11.86 -33.24 9.67
CA VAL I 111 -11.82 -32.73 11.03
C VAL I 111 -10.71 -33.40 11.83
N LYS I 112 -10.41 -34.67 11.52
CA LYS I 112 -9.35 -35.38 12.22
C LYS I 112 -7.99 -34.71 12.01
N ILE I 113 -7.83 -33.94 10.93
CA ILE I 113 -6.55 -33.28 10.68
C ILE I 113 -6.36 -32.13 11.68
N PRO I 114 -5.24 -32.06 12.39
CA PRO I 114 -5.05 -30.96 13.34
C PRO I 114 -5.08 -29.61 12.63
N GLY I 115 -5.65 -28.62 13.31
CA GLY I 115 -5.78 -27.29 12.76
C GLY I 115 -7.00 -27.09 11.88
N VAL I 116 -7.79 -28.13 11.67
CA VAL I 116 -8.99 -28.06 10.83
C VAL I 116 -10.21 -28.16 11.73
N GLY I 117 -11.08 -27.17 11.65
CA GLY I 117 -12.31 -27.17 12.41
C GLY I 117 -13.46 -27.81 11.64
N LYS I 118 -14.64 -27.21 11.73
CA LYS I 118 -15.82 -27.71 11.02
C LYS I 118 -16.23 -26.80 9.87
N LYS I 119 -16.38 -25.50 10.13
CA LYS I 119 -16.75 -24.57 9.06
C LYS I 119 -15.70 -24.55 7.96
N THR I 120 -14.42 -24.54 8.35
CA THR I 120 -13.35 -24.52 7.34
C THR I 120 -13.37 -25.81 6.52
N ALA I 121 -13.64 -26.95 7.17
CA ALA I 121 -13.72 -28.20 6.43
C ALA I 121 -14.88 -28.18 5.44
N GLU I 122 -16.04 -27.69 5.88
CA GLU I 122 -17.18 -27.62 4.98
C GLU I 122 -16.92 -26.68 3.81
N ARG I 123 -16.25 -25.56 4.07
CA ARG I 123 -15.82 -24.70 2.98
C ARG I 123 -14.92 -25.45 2.01
N LEU I 124 -13.76 -25.92 2.50
CA LEU I 124 -12.89 -26.73 1.67
C LEU I 124 -13.70 -27.65 0.77
N LEU I 125 -14.61 -28.41 1.36
CA LEU I 125 -15.50 -29.27 0.58
C LEU I 125 -16.18 -28.50 -0.54
N VAL I 126 -16.98 -27.48 -0.18
CA VAL I 126 -17.91 -26.91 -1.15
C VAL I 126 -17.16 -26.22 -2.28
N GLU I 127 -16.15 -25.40 -1.96
CA GLU I 127 -15.37 -24.82 -3.06
C GLU I 127 -14.66 -25.88 -3.89
N LEU I 128 -14.00 -26.86 -3.25
CA LEU I 128 -13.23 -27.84 -4.02
C LEU I 128 -14.12 -28.61 -4.99
N LYS I 129 -15.39 -28.85 -4.63
CA LYS I 129 -16.25 -29.67 -5.49
C LYS I 129 -16.21 -29.20 -6.93
N ASP I 130 -16.42 -27.91 -7.15
CA ASP I 130 -16.38 -27.37 -8.51
C ASP I 130 -15.04 -26.72 -8.85
N ARG I 131 -14.14 -26.55 -7.88
CA ARG I 131 -12.79 -26.12 -8.22
C ARG I 131 -12.09 -27.19 -9.05
N PHE I 132 -12.29 -28.45 -8.68
CA PHE I 132 -11.84 -29.57 -9.51
C PHE I 132 -13.03 -30.51 -9.71
N LYS I 133 -13.30 -30.84 -10.97
CA LYS I 133 -14.40 -31.74 -11.33
C LYS I 133 -13.88 -33.16 -11.55
N ALA I 134 -13.38 -33.75 -10.47
CA ALA I 134 -12.77 -35.08 -10.50
C ALA I 134 -11.61 -35.12 -11.50
N TRP I 135 -10.73 -34.13 -11.37
CA TRP I 135 -9.58 -34.01 -12.26
C TRP I 135 -10.01 -33.92 -13.72
N MET J 1 21.22 -6.89 -2.76
CA MET J 1 21.45 -8.35 -2.62
C MET J 1 22.46 -8.83 -3.66
N ILE J 2 22.31 -8.37 -4.89
CA ILE J 2 23.23 -8.69 -5.96
C ILE J 2 24.20 -7.52 -6.09
N GLY J 3 25.48 -7.77 -5.81
CA GLY J 3 26.48 -6.73 -5.82
C GLY J 3 27.49 -6.86 -6.94
N ARG J 4 27.44 -7.97 -7.67
CA ARG J 4 28.38 -8.18 -8.76
C ARG J 4 27.92 -9.38 -9.58
N LEU J 5 28.00 -9.23 -10.91
CA LEU J 5 27.70 -10.31 -11.85
C LEU J 5 28.94 -10.57 -12.69
N ARG J 6 29.35 -11.84 -12.76
CA ARG J 6 30.53 -12.25 -13.51
C ARG J 6 30.12 -13.33 -14.50
N GLY J 7 29.80 -12.92 -15.73
CA GLY J 7 29.41 -13.85 -16.77
C GLY J 7 29.99 -13.49 -18.11
N THR J 8 29.32 -13.89 -19.19
CA THR J 8 29.74 -13.58 -20.55
C THR J 8 28.70 -12.68 -21.22
N LEU J 9 29.19 -11.66 -21.91
CA LEU J 9 28.30 -10.72 -22.59
C LEU J 9 27.60 -11.43 -23.74
N ALA J 10 26.30 -11.71 -23.56
CA ALA J 10 25.52 -12.42 -24.57
C ALA J 10 24.96 -11.48 -25.63
N GLU J 11 24.34 -10.38 -25.21
CA GLU J 11 23.75 -9.43 -26.14
C GLU J 11 24.00 -8.02 -25.63
N LYS J 12 24.42 -7.14 -26.53
CA LYS J 12 24.72 -5.75 -26.21
C LYS J 12 23.79 -4.85 -27.01
N GLN J 13 22.69 -4.43 -26.37
CA GLN J 13 21.73 -3.50 -26.95
C GLN J 13 21.70 -2.27 -26.05
N PRO J 14 22.49 -1.25 -26.35
CA PRO J 14 22.59 -0.12 -25.42
C PRO J 14 21.26 0.58 -25.29
N PRO J 15 20.98 1.17 -24.10
CA PRO J 15 21.83 1.19 -22.91
C PRO J 15 21.64 -0.04 -22.02
N HIS J 16 21.30 -1.18 -22.62
CA HIS J 16 20.99 -2.39 -21.89
C HIS J 16 21.94 -3.51 -22.28
N LEU J 17 22.11 -4.45 -21.35
CA LEU J 17 22.96 -5.61 -21.54
C LEU J 17 22.21 -6.87 -21.10
N ILE J 18 22.63 -8.00 -21.64
CA ILE J 18 22.19 -9.31 -21.18
C ILE J 18 23.45 -10.10 -20.86
N LEU J 19 23.79 -10.17 -19.58
CA LEU J 19 25.01 -10.82 -19.12
C LEU J 19 24.65 -12.26 -18.72
N ASP J 20 25.07 -13.22 -19.56
CA ASP J 20 24.71 -14.62 -19.35
C ASP J 20 25.57 -15.19 -18.23
N VAL J 21 24.98 -15.31 -17.04
CA VAL J 21 25.67 -15.85 -15.88
C VAL J 21 25.19 -17.29 -15.73
N ASN J 22 25.94 -18.22 -16.32
CA ASN J 22 25.65 -19.65 -16.22
C ASN J 22 24.23 -19.97 -16.68
N GLY J 23 23.81 -19.37 -17.79
CA GLY J 23 22.53 -19.67 -18.38
C GLY J 23 21.48 -18.60 -18.15
N VAL J 24 21.50 -17.98 -16.98
CA VAL J 24 20.53 -16.95 -16.63
C VAL J 24 21.06 -15.61 -17.15
N GLY J 25 20.37 -15.04 -18.14
CA GLY J 25 20.74 -13.75 -18.68
C GLY J 25 20.09 -12.65 -17.86
N TYR J 26 20.89 -11.66 -17.46
CA TYR J 26 20.45 -10.58 -16.59
C TYR J 26 20.39 -9.30 -17.41
N GLU J 27 19.22 -8.65 -17.40
CA GLU J 27 19.05 -7.36 -18.08
C GLU J 27 19.66 -6.28 -17.20
N VAL J 28 20.77 -5.70 -17.67
CA VAL J 28 21.54 -4.73 -16.90
C VAL J 28 21.60 -3.44 -17.70
N GLU J 29 21.29 -2.32 -17.05
CA GLU J 29 21.43 -0.99 -17.63
C GLU J 29 22.73 -0.38 -17.15
N VAL J 30 23.57 0.06 -18.07
CA VAL J 30 24.89 0.59 -17.73
C VAL J 30 25.06 1.96 -18.40
N PRO J 31 25.85 2.87 -17.81
CA PRO J 31 26.09 4.16 -18.46
C PRO J 31 26.95 4.01 -19.70
N MET J 32 26.98 5.08 -20.49
CA MET J 32 27.80 5.08 -21.72
C MET J 32 29.28 4.91 -21.39
N THR J 33 29.73 5.46 -20.27
CA THR J 33 31.12 5.26 -19.86
C THR J 33 31.45 3.78 -19.71
N THR J 34 30.47 2.95 -19.35
CA THR J 34 30.66 1.51 -19.37
C THR J 34 30.61 0.95 -20.79
N LEU J 35 29.72 1.49 -21.64
CA LEU J 35 29.66 1.02 -23.01
C LEU J 35 31.01 1.16 -23.70
N TYR J 36 31.69 2.27 -23.47
CA TYR J 36 33.00 2.48 -24.09
C TYR J 36 34.10 1.64 -23.46
N ARG J 37 33.79 0.68 -22.59
CA ARG J 37 34.79 -0.20 -22.01
C ARG J 37 34.42 -1.68 -22.07
N LEU J 38 33.19 -2.03 -22.43
CA LEU J 38 32.80 -3.42 -22.47
C LEU J 38 33.52 -4.15 -23.61
N PRO J 39 33.77 -5.45 -23.45
CA PRO J 39 34.35 -6.23 -24.56
C PRO J 39 33.34 -6.52 -25.65
N SER J 40 33.75 -7.30 -26.65
CA SER J 40 32.82 -7.71 -27.70
C SER J 40 31.82 -8.72 -27.16
N VAL J 41 30.76 -8.95 -27.93
CA VAL J 41 29.74 -9.90 -27.54
C VAL J 41 30.33 -11.29 -27.47
N GLY J 42 29.97 -12.04 -26.42
CA GLY J 42 30.47 -13.38 -26.21
C GLY J 42 31.71 -13.48 -25.36
N GLU J 43 32.29 -12.34 -24.95
CA GLU J 43 33.49 -12.35 -24.13
C GLU J 43 33.14 -12.12 -22.66
N PRO J 44 33.94 -12.65 -21.74
CA PRO J 44 33.64 -12.46 -20.31
C PRO J 44 33.73 -11.00 -19.91
N VAL J 45 32.87 -10.61 -18.98
CA VAL J 45 32.86 -9.24 -18.44
C VAL J 45 32.28 -9.29 -17.03
N THR J 46 32.84 -8.48 -16.15
CA THR J 46 32.39 -8.38 -14.76
C THR J 46 31.81 -6.99 -14.52
N LEU J 47 30.60 -6.94 -13.99
CA LEU J 47 29.92 -5.69 -13.68
C LEU J 47 29.57 -5.65 -12.20
N HIS J 48 29.79 -4.49 -11.58
CA HIS J 48 29.42 -4.28 -10.18
C HIS J 48 28.01 -3.70 -10.17
N THR J 49 27.02 -4.58 -10.09
CA THR J 49 25.63 -4.19 -10.29
C THR J 49 25.02 -3.66 -9.00
N HIS J 50 23.91 -2.94 -9.16
CA HIS J 50 23.11 -2.46 -8.04
C HIS J 50 21.65 -2.78 -8.35
N LEU J 51 20.99 -3.48 -7.43
CA LEU J 51 19.63 -3.95 -7.65
C LEU J 51 18.65 -2.93 -7.09
N VAL J 52 17.80 -2.39 -7.95
CA VAL J 52 16.76 -1.44 -7.56
C VAL J 52 15.44 -2.20 -7.53
N VAL J 53 14.82 -2.27 -6.36
CA VAL J 53 13.60 -3.03 -6.15
C VAL J 53 12.45 -2.05 -5.94
N ARG J 54 11.42 -2.19 -6.77
CA ARG J 54 10.21 -1.38 -6.67
C ARG J 54 9.02 -2.29 -6.37
N GLU J 55 7.86 -1.67 -6.19
CA GLU J 55 6.65 -2.45 -5.92
C GLU J 55 6.29 -3.35 -7.09
N ASP J 56 6.67 -2.97 -8.32
CA ASP J 56 6.28 -3.72 -9.50
C ASP J 56 7.42 -3.82 -10.50
N ALA J 57 8.66 -3.85 -10.03
CA ALA J 57 9.79 -3.97 -10.95
C ALA J 57 11.07 -4.25 -10.16
N HIS J 58 11.86 -5.18 -10.67
CA HIS J 58 13.23 -5.41 -10.19
C HIS J 58 14.19 -5.02 -11.30
N LEU J 59 15.14 -4.14 -10.99
CA LEU J 59 16.03 -3.57 -11.99
C LEU J 59 17.47 -3.73 -11.54
N LEU J 60 18.36 -3.89 -12.52
CA LEU J 60 19.78 -4.03 -12.28
C LEU J 60 20.54 -2.94 -13.04
N TYR J 61 21.54 -2.37 -12.38
CA TYR J 61 22.35 -1.30 -12.96
C TYR J 61 23.83 -1.66 -12.77
N GLY J 62 24.50 -1.99 -13.87
CA GLY J 62 25.88 -2.43 -13.82
C GLY J 62 26.87 -1.31 -14.05
N PHE J 63 28.07 -1.51 -13.54
CA PHE J 63 29.15 -0.53 -13.67
C PHE J 63 30.47 -1.26 -13.80
N ALA J 64 31.43 -0.60 -14.47
CA ALA J 64 32.72 -1.23 -14.72
C ALA J 64 33.57 -1.29 -13.46
N GLU J 65 33.39 -0.35 -12.54
CA GLU J 65 34.21 -0.27 -11.34
C GLU J 65 33.32 0.00 -10.13
N LYS J 66 33.81 -0.41 -8.96
CA LYS J 66 32.99 -0.36 -7.75
C LYS J 66 32.65 1.08 -7.36
N ARG J 67 33.62 1.99 -7.44
CA ARG J 67 33.36 3.36 -7.02
C ARG J 67 32.21 3.99 -7.81
N GLU J 68 32.07 3.63 -9.09
CA GLU J 68 30.93 4.10 -9.86
C GLU J 68 29.63 3.60 -9.27
N ARG J 69 29.59 2.33 -8.85
CA ARG J 69 28.39 1.79 -8.22
C ARG J 69 28.08 2.52 -6.91
N GLU J 70 29.11 2.79 -6.11
CA GLU J 70 28.90 3.54 -4.87
C GLU J 70 28.32 4.91 -5.17
N LEU J 71 28.89 5.61 -6.15
CA LEU J 71 28.40 6.93 -6.52
C LEU J 71 26.95 6.86 -6.98
N PHE J 72 26.61 5.84 -7.77
CA PHE J 72 25.24 5.66 -8.23
C PHE J 72 24.30 5.47 -7.04
N ARG J 73 24.73 4.66 -6.06
CA ARG J 73 23.88 4.46 -4.89
C ARG J 73 23.66 5.77 -4.13
N GLU J 74 24.72 6.55 -3.93
CA GLU J 74 24.55 7.84 -3.26
C GLU J 74 23.61 8.74 -4.06
N LEU J 75 23.78 8.78 -5.37
CA LEU J 75 22.96 9.65 -6.21
C LEU J 75 21.49 9.27 -6.11
N ILE J 76 21.17 7.99 -6.30
CA ILE J 76 19.77 7.58 -6.26
C ILE J 76 19.19 7.64 -4.86
N ARG J 77 20.03 7.61 -3.83
CA ARG J 77 19.51 7.74 -2.47
C ARG J 77 18.94 9.12 -2.19
N LEU J 78 19.22 10.10 -3.06
CA LEU J 78 18.69 11.44 -2.86
C LEU J 78 17.18 11.45 -3.02
N ASN J 79 16.56 12.54 -2.53
CA ASN J 79 15.11 12.65 -2.51
C ASN J 79 14.53 13.16 -3.83
N GLY J 80 15.37 13.56 -4.78
CA GLY J 80 14.87 14.09 -6.04
C GLY J 80 15.59 13.54 -7.26
N VAL J 81 16.52 12.60 -7.04
CA VAL J 81 17.31 12.01 -8.11
C VAL J 81 16.94 10.54 -8.23
N GLY J 82 16.63 10.11 -9.45
CA GLY J 82 16.28 8.73 -9.71
C GLY J 82 17.35 8.02 -10.51
N PRO J 83 17.16 6.71 -10.75
CA PRO J 83 18.17 5.97 -11.51
C PRO J 83 18.45 6.57 -12.88
N LYS J 84 17.43 7.09 -13.56
CA LYS J 84 17.64 7.66 -14.90
C LYS J 84 18.51 8.91 -14.81
N LEU J 85 18.20 9.80 -13.87
CA LEU J 85 19.00 11.02 -13.72
C LEU J 85 20.43 10.69 -13.29
N ALA J 86 20.58 9.74 -12.37
CA ALA J 86 21.92 9.33 -11.95
C ALA J 86 22.71 8.75 -13.11
N LEU J 87 22.06 7.93 -13.93
CA LEU J 87 22.74 7.38 -15.11
C LEU J 87 23.14 8.47 -16.08
N ALA J 88 22.27 9.46 -16.29
CA ALA J 88 22.61 10.56 -17.16
C ALA J 88 23.80 11.34 -16.62
N LEU J 89 23.81 11.60 -15.31
CA LEU J 89 24.95 12.32 -14.72
C LEU J 89 26.24 11.52 -14.88
N MET J 90 26.18 10.21 -14.65
CA MET J 90 27.39 9.40 -14.73
C MET J 90 27.88 9.25 -16.17
N SER J 91 26.96 9.24 -17.13
CA SER J 91 27.37 9.18 -18.54
C SER J 91 27.97 10.50 -18.99
N GLY J 92 27.37 11.63 -18.58
CA GLY J 92 27.90 12.92 -18.98
C GLY J 92 29.27 13.21 -18.39
N LEU J 93 29.45 12.90 -17.11
CA LEU J 93 30.70 13.16 -16.41
C LEU J 93 31.12 11.92 -15.62
N GLU J 94 32.41 11.65 -15.59
CA GLU J 94 32.92 10.53 -14.81
C GLU J 94 32.92 10.89 -13.33
N VAL J 95 33.19 9.88 -12.49
CA VAL J 95 33.06 10.05 -11.05
C VAL J 95 34.01 11.14 -10.54
N ASP J 96 35.27 11.12 -10.99
CA ASP J 96 36.23 12.06 -10.45
C ASP J 96 35.91 13.49 -10.87
N GLU J 97 35.57 13.72 -12.13
CA GLU J 97 35.15 15.07 -12.54
C GLU J 97 33.87 15.47 -11.82
N LEU J 98 32.94 14.53 -11.63
CA LEU J 98 31.70 14.85 -10.95
C LEU J 98 31.97 15.34 -9.53
N VAL J 99 32.78 14.61 -8.78
CA VAL J 99 33.06 15.01 -7.39
C VAL J 99 33.88 16.29 -7.36
N ARG J 100 34.81 16.47 -8.31
CA ARG J 100 35.57 17.71 -8.37
C ARG J 100 34.63 18.91 -8.60
N CYS J 101 33.67 18.76 -9.49
CA CYS J 101 32.72 19.83 -9.76
C CYS J 101 31.82 20.07 -8.56
N VAL J 102 31.42 19.01 -7.84
CA VAL J 102 30.62 19.20 -6.64
C VAL J 102 31.39 19.97 -5.58
N GLN J 103 32.69 19.66 -5.42
CA GLN J 103 33.49 20.40 -4.45
C GLN J 103 33.54 21.88 -4.80
N ALA J 104 33.72 22.20 -6.08
CA ALA J 104 33.71 23.59 -6.53
C ALA J 104 32.31 24.20 -6.54
N GLN J 105 31.27 23.40 -6.35
CA GLN J 105 29.88 23.89 -6.37
C GLN J 105 29.59 24.61 -7.69
N ASP J 106 30.03 24.02 -8.80
CA ASP J 106 29.87 24.61 -10.12
C ASP J 106 28.66 23.97 -10.80
N THR J 107 27.72 24.80 -11.25
CA THR J 107 26.52 24.33 -11.93
C THR J 107 26.63 24.39 -13.45
N SER J 108 27.59 25.13 -13.99
CA SER J 108 27.69 25.27 -15.44
C SER J 108 27.93 23.93 -16.11
N THR J 109 28.81 23.10 -15.53
CA THR J 109 29.09 21.78 -16.10
C THR J 109 27.96 20.80 -15.86
N LEU J 110 27.22 20.93 -14.77
CA LEU J 110 26.10 20.03 -14.52
C LEU J 110 24.92 20.32 -15.44
N VAL J 111 24.67 21.60 -15.72
CA VAL J 111 23.56 21.94 -16.61
C VAL J 111 23.82 21.41 -18.02
N LYS J 112 25.07 21.40 -18.46
CA LYS J 112 25.38 20.90 -19.80
C LYS J 112 24.93 19.46 -20.00
N ILE J 113 24.87 18.68 -18.94
CA ILE J 113 24.44 17.27 -19.09
C ILE J 113 22.98 17.23 -19.53
N PRO J 114 22.62 16.46 -20.56
CA PRO J 114 21.21 16.39 -20.96
C PRO J 114 20.34 15.92 -19.81
N GLY J 115 19.15 16.51 -19.73
CA GLY J 115 18.20 16.14 -18.70
C GLY J 115 18.40 16.79 -17.35
N VAL J 116 19.42 17.64 -17.21
CA VAL J 116 19.72 18.30 -15.95
C VAL J 116 19.52 19.80 -16.15
N GLY J 117 18.66 20.39 -15.33
CA GLY J 117 18.42 21.82 -15.34
C GLY J 117 19.29 22.54 -14.33
N LYS J 118 18.86 23.75 -13.96
CA LYS J 118 19.60 24.56 -12.99
C LYS J 118 19.15 24.27 -11.56
N LYS J 119 17.83 24.21 -11.33
CA LYS J 119 17.32 23.96 -10.00
C LYS J 119 17.76 22.58 -9.50
N THR J 120 17.65 21.56 -10.35
CA THR J 120 18.07 20.22 -9.93
C THR J 120 19.57 20.17 -9.69
N ALA J 121 20.35 20.86 -10.52
CA ALA J 121 21.79 20.89 -10.33
C ALA J 121 22.16 21.52 -8.99
N GLU J 122 21.53 22.66 -8.66
CA GLU J 122 21.81 23.30 -7.38
C GLU J 122 21.38 22.42 -6.22
N ARG J 123 20.21 21.78 -6.34
CA ARG J 123 19.72 20.93 -5.26
C ARG J 123 20.64 19.73 -5.04
N LEU J 124 21.10 19.09 -6.12
CA LEU J 124 21.99 17.95 -5.95
C LEU J 124 23.37 18.38 -5.46
N LEU J 125 23.82 19.58 -5.83
CA LEU J 125 25.05 20.10 -5.24
C LEU J 125 24.90 20.28 -3.73
N VAL J 126 23.77 20.85 -3.30
CA VAL J 126 23.54 20.99 -1.86
C VAL J 126 23.51 19.63 -1.19
N GLU J 127 22.84 18.65 -1.81
CA GLU J 127 22.78 17.32 -1.22
C GLU J 127 24.16 16.68 -1.11
N LEU J 128 24.97 16.76 -2.17
CA LEU J 128 26.29 16.16 -2.20
C LEU J 128 27.39 17.09 -1.72
N LYS J 129 27.02 18.15 -0.98
CA LYS J 129 28.00 18.99 -0.32
C LYS J 129 28.97 18.12 0.47
N ASP J 130 30.13 18.67 0.85
CA ASP J 130 31.27 17.85 1.27
C ASP J 130 30.96 17.20 2.62
N ARG J 131 30.20 16.10 2.56
CA ARG J 131 29.96 15.24 3.70
C ARG J 131 30.90 14.03 3.69
N PHE J 132 31.02 13.36 2.56
CA PHE J 132 31.90 12.20 2.42
C PHE J 132 33.35 12.64 2.28
N LYS J 133 34.26 11.70 2.50
CA LYS J 133 35.68 11.94 2.33
C LYS J 133 36.05 11.97 0.85
N ALA J 134 37.09 12.72 0.53
CA ALA J 134 37.55 12.82 -0.85
C ALA J 134 38.10 11.49 -1.33
N TRP J 135 37.70 11.10 -2.54
CA TRP J 135 38.15 9.83 -3.11
C TRP J 135 39.67 9.79 -3.23
N MET K 1 14.78 -7.55 -15.30
CA MET K 1 15.97 -8.11 -14.60
C MET K 1 16.49 -9.35 -15.31
N ILE K 2 15.57 -10.26 -15.64
CA ILE K 2 15.89 -11.49 -16.36
C ILE K 2 15.37 -11.34 -17.77
N GLY K 3 16.27 -11.41 -18.75
CA GLY K 3 15.91 -11.19 -20.14
C GLY K 3 16.21 -12.37 -21.04
N ARG K 4 16.70 -13.48 -20.49
CA ARG K 4 17.00 -14.64 -21.28
C ARG K 4 17.25 -15.83 -20.35
N LEU K 5 16.76 -16.99 -20.75
CA LEU K 5 17.00 -18.24 -20.03
C LEU K 5 17.52 -19.27 -21.02
N ARG K 6 18.75 -19.74 -20.81
CA ARG K 6 19.40 -20.73 -21.66
C ARG K 6 19.60 -21.99 -20.83
N GLY K 7 18.66 -22.92 -20.92
CA GLY K 7 18.74 -24.16 -20.17
C GLY K 7 18.27 -25.35 -20.94
N THR K 8 17.61 -26.29 -20.25
CA THR K 8 17.09 -27.51 -20.85
C THR K 8 15.61 -27.61 -20.57
N LEU K 9 14.83 -27.93 -21.59
CA LEU K 9 13.38 -28.08 -21.43
C LEU K 9 13.10 -29.32 -20.58
N ALA K 10 12.71 -29.11 -19.33
CA ALA K 10 12.48 -30.20 -18.40
C ALA K 10 11.04 -30.73 -18.47
N GLU K 11 10.06 -29.83 -18.50
CA GLU K 11 8.66 -30.23 -18.53
C GLU K 11 7.93 -29.38 -19.56
N LYS K 12 6.86 -29.95 -20.12
CA LYS K 12 6.07 -29.29 -21.17
C LYS K 12 4.60 -29.42 -20.80
N GLN K 13 4.08 -28.43 -20.06
CA GLN K 13 2.67 -28.37 -19.70
C GLN K 13 2.10 -27.08 -20.30
N PRO K 14 1.51 -27.12 -21.48
CA PRO K 14 1.08 -25.88 -22.14
C PRO K 14 0.08 -25.13 -21.28
N PRO K 15 0.14 -23.79 -21.26
CA PRO K 15 1.10 -22.92 -21.95
C PRO K 15 2.35 -22.62 -21.11
N HIS K 16 2.75 -23.58 -20.27
CA HIS K 16 3.84 -23.39 -19.34
C HIS K 16 4.98 -24.36 -19.62
N LEU K 17 6.19 -23.94 -19.26
CA LEU K 17 7.40 -24.74 -19.44
C LEU K 17 8.21 -24.70 -18.16
N ILE K 18 9.20 -25.59 -18.10
CA ILE K 18 10.19 -25.61 -17.02
C ILE K 18 11.56 -25.66 -17.65
N LEU K 19 12.34 -24.59 -17.48
CA LEU K 19 13.70 -24.53 -17.99
C LEU K 19 14.66 -24.86 -16.84
N ASP K 20 15.32 -26.02 -16.93
CA ASP K 20 16.27 -26.44 -15.92
C ASP K 20 17.59 -25.73 -16.19
N VAL K 21 17.76 -24.55 -15.58
CA VAL K 21 18.96 -23.75 -15.76
C VAL K 21 19.89 -24.09 -14.60
N ASN K 22 20.75 -25.09 -14.81
CA ASN K 22 21.73 -25.52 -13.83
C ASN K 22 21.07 -25.88 -12.50
N GLY K 23 19.92 -26.56 -12.59
CA GLY K 23 19.25 -27.06 -11.40
C GLY K 23 17.94 -26.37 -11.10
N VAL K 24 17.89 -25.06 -11.29
CA VAL K 24 16.69 -24.29 -10.98
C VAL K 24 15.73 -24.38 -12.16
N GLY K 25 14.52 -24.85 -11.90
CA GLY K 25 13.49 -24.93 -12.93
C GLY K 25 12.59 -23.72 -12.91
N TYR K 26 12.61 -22.94 -13.98
CA TYR K 26 11.84 -21.70 -14.04
C TYR K 26 10.50 -21.93 -14.71
N GLU K 27 9.43 -21.49 -14.05
CA GLU K 27 8.09 -21.57 -14.62
C GLU K 27 7.93 -20.45 -15.64
N VAL K 28 7.90 -20.80 -16.92
CA VAL K 28 7.83 -19.84 -18.01
C VAL K 28 6.56 -20.11 -18.81
N GLU K 29 5.78 -19.06 -19.03
CA GLU K 29 4.56 -19.15 -19.83
C GLU K 29 4.83 -18.59 -21.22
N VAL K 30 4.51 -19.36 -22.25
CA VAL K 30 4.87 -19.01 -23.62
C VAL K 30 3.62 -18.97 -24.49
N PRO K 31 3.60 -18.17 -25.56
CA PRO K 31 2.46 -18.22 -26.48
C PRO K 31 2.48 -19.50 -27.31
N MET K 32 1.38 -19.71 -28.04
CA MET K 32 1.28 -20.89 -28.89
C MET K 32 2.32 -20.86 -30.00
N THR K 33 2.61 -19.67 -30.54
CA THR K 33 3.63 -19.58 -31.58
C THR K 33 4.99 -20.02 -31.06
N THR K 34 5.34 -19.59 -29.84
CA THR K 34 6.58 -20.07 -29.23
C THR K 34 6.47 -21.53 -28.84
N LEU K 35 5.30 -21.97 -28.39
CA LEU K 35 5.12 -23.35 -27.97
C LEU K 35 5.39 -24.32 -29.11
N TYR K 36 4.88 -23.99 -30.31
CA TYR K 36 5.03 -24.90 -31.45
C TYR K 36 6.49 -25.06 -31.89
N ARG K 37 7.35 -24.07 -31.61
CA ARG K 37 8.72 -24.09 -32.06
C ARG K 37 9.68 -24.70 -31.05
N LEU K 38 9.19 -25.11 -29.87
CA LEU K 38 10.08 -25.68 -28.87
C LEU K 38 10.52 -27.09 -29.26
N PRO K 39 11.69 -27.53 -28.80
CA PRO K 39 12.10 -28.91 -29.07
C PRO K 39 11.45 -29.90 -28.12
N SER K 40 11.83 -31.17 -28.21
CA SER K 40 11.29 -32.18 -27.31
C SER K 40 11.88 -31.99 -25.91
N VAL K 41 11.18 -32.55 -24.93
CA VAL K 41 11.62 -32.44 -23.54
C VAL K 41 13.01 -33.04 -23.40
N GLY K 42 13.87 -32.37 -22.64
CA GLY K 42 15.24 -32.79 -22.44
C GLY K 42 16.23 -32.15 -23.38
N GLU K 43 15.77 -31.41 -24.38
CA GLU K 43 16.67 -30.74 -25.32
C GLU K 43 16.91 -29.31 -24.90
N PRO K 44 18.11 -28.76 -25.16
CA PRO K 44 18.37 -27.37 -24.81
C PRO K 44 17.48 -26.41 -25.58
N VAL K 45 17.13 -25.30 -24.94
CA VAL K 45 16.30 -24.28 -25.57
C VAL K 45 16.60 -22.94 -24.91
N THR K 46 16.62 -21.88 -25.71
CA THR K 46 16.86 -20.53 -25.24
C THR K 46 15.59 -19.70 -25.43
N LEU K 47 15.13 -19.05 -24.36
CA LEU K 47 13.95 -18.22 -24.39
C LEU K 47 14.30 -16.81 -23.92
N HIS K 48 13.76 -15.81 -24.61
CA HIS K 48 13.95 -14.41 -24.25
C HIS K 48 12.78 -14.04 -23.34
N THR K 49 13.02 -14.13 -22.04
CA THR K 49 11.95 -13.99 -21.05
C THR K 49 11.75 -12.55 -20.63
N HIS K 50 10.57 -12.27 -20.11
CA HIS K 50 10.23 -10.97 -19.53
C HIS K 50 9.63 -11.21 -18.15
N LEU K 51 10.24 -10.64 -17.13
CA LEU K 51 9.83 -10.85 -15.75
C LEU K 51 8.78 -9.82 -15.36
N VAL K 52 7.58 -10.28 -15.02
CA VAL K 52 6.51 -9.43 -14.55
C VAL K 52 6.43 -9.56 -13.04
N VAL K 53 6.54 -8.44 -12.34
CA VAL K 53 6.57 -8.42 -10.88
C VAL K 53 5.31 -7.71 -10.39
N ARG K 54 4.61 -8.36 -9.47
CA ARG K 54 3.42 -7.81 -8.82
C ARG K 54 3.63 -7.83 -7.31
N GLU K 55 2.65 -7.28 -6.60
CA GLU K 55 2.73 -7.25 -5.14
C GLU K 55 2.63 -8.64 -4.53
N ASP K 56 2.16 -9.64 -5.28
CA ASP K 56 1.95 -10.97 -4.73
C ASP K 56 2.35 -12.09 -5.67
N ALA K 57 3.12 -11.83 -6.72
CA ALA K 57 3.51 -12.87 -7.64
C ALA K 57 4.66 -12.40 -8.51
N HIS K 58 5.54 -13.34 -8.87
CA HIS K 58 6.60 -13.13 -9.85
C HIS K 58 6.37 -14.07 -11.01
N LEU K 59 6.22 -13.51 -12.21
CA LEU K 59 5.84 -14.28 -13.39
C LEU K 59 6.88 -14.09 -14.49
N LEU K 60 7.17 -15.19 -15.20
CA LEU K 60 8.09 -15.18 -16.32
C LEU K 60 7.34 -15.52 -17.59
N TYR K 61 7.60 -14.77 -18.66
CA TYR K 61 6.99 -15.01 -19.96
C TYR K 61 8.09 -15.13 -21.00
N GLY K 62 8.22 -16.30 -21.61
CA GLY K 62 9.30 -16.59 -22.53
C GLY K 62 8.84 -16.61 -23.98
N PHE K 63 9.71 -16.16 -24.86
CA PHE K 63 9.43 -16.12 -26.30
C PHE K 63 10.64 -16.62 -27.07
N ALA K 64 10.39 -17.16 -28.25
CA ALA K 64 11.46 -17.72 -29.08
C ALA K 64 12.26 -16.64 -29.79
N GLU K 65 11.75 -15.42 -29.89
CA GLU K 65 12.43 -14.33 -30.57
C GLU K 65 12.42 -13.09 -29.69
N LYS K 66 13.46 -12.27 -29.83
CA LYS K 66 13.54 -11.05 -29.02
C LYS K 66 12.46 -10.05 -29.42
N ARG K 67 12.15 -9.96 -30.71
CA ARG K 67 11.10 -9.04 -31.14
C ARG K 67 9.77 -9.39 -30.50
N GLU K 68 9.51 -10.68 -30.30
CA GLU K 68 8.29 -11.08 -29.61
C GLU K 68 8.28 -10.56 -28.18
N ARG K 69 9.41 -10.65 -27.48
CA ARG K 69 9.49 -10.13 -26.11
C ARG K 69 9.29 -8.63 -26.08
N GLU K 70 9.90 -7.91 -27.02
CA GLU K 70 9.72 -6.47 -27.07
C GLU K 70 8.27 -6.09 -27.34
N LEU K 71 7.62 -6.80 -28.27
CA LEU K 71 6.21 -6.53 -28.54
C LEU K 71 5.35 -6.84 -27.34
N PHE K 72 5.66 -7.92 -26.61
CA PHE K 72 4.89 -8.25 -25.41
C PHE K 72 5.03 -7.16 -24.37
N ARG K 73 6.26 -6.66 -24.15
CA ARG K 73 6.45 -5.57 -23.21
C ARG K 73 5.67 -4.33 -23.64
N GLU K 74 5.74 -3.99 -24.93
CA GLU K 74 4.99 -2.85 -25.43
C GLU K 74 3.49 -3.02 -25.21
N LEU K 75 2.97 -4.22 -25.44
CA LEU K 75 1.54 -4.46 -25.30
C LEU K 75 1.11 -4.36 -23.83
N ILE K 76 1.85 -5.02 -22.94
CA ILE K 76 1.44 -5.02 -21.53
C ILE K 76 1.66 -3.66 -20.89
N ARG K 77 2.55 -2.82 -21.43
CA ARG K 77 2.69 -1.48 -20.88
C ARG K 77 1.44 -0.64 -21.11
N LEU K 78 0.55 -1.06 -22.02
CA LEU K 78 -0.63 -0.28 -22.35
C LEU K 78 -1.54 -0.16 -21.13
N ASN K 79 -2.64 0.58 -21.30
CA ASN K 79 -3.53 0.88 -20.19
C ASN K 79 -4.37 -0.33 -19.80
N GLY K 80 -5.20 -0.82 -20.73
CA GLY K 80 -6.13 -1.89 -20.43
C GLY K 80 -5.68 -3.26 -20.90
N VAL K 81 -4.39 -3.42 -21.18
CA VAL K 81 -3.84 -4.67 -21.70
C VAL K 81 -2.99 -5.30 -20.61
N GLY K 82 -3.27 -6.57 -20.30
CA GLY K 82 -2.49 -7.31 -19.34
C GLY K 82 -1.74 -8.44 -20.00
N PRO K 83 -0.98 -9.20 -19.21
CA PRO K 83 -0.23 -10.33 -19.78
C PRO K 83 -1.11 -11.34 -20.50
N LYS K 84 -2.32 -11.58 -20.02
CA LYS K 84 -3.19 -12.58 -20.65
C LYS K 84 -3.66 -12.13 -22.02
N LEU K 85 -4.13 -10.89 -22.13
CA LEU K 85 -4.56 -10.38 -23.43
C LEU K 85 -3.38 -10.29 -24.40
N ALA K 86 -2.22 -9.85 -23.92
CA ALA K 86 -1.05 -9.77 -24.78
C ALA K 86 -0.66 -11.16 -25.27
N LEU K 87 -0.69 -12.16 -24.39
CA LEU K 87 -0.35 -13.52 -24.80
C LEU K 87 -1.36 -14.05 -25.81
N ALA K 88 -2.64 -13.74 -25.62
CA ALA K 88 -3.66 -14.15 -26.58
C ALA K 88 -3.39 -13.52 -27.94
N LEU K 89 -3.05 -12.23 -27.96
CA LEU K 89 -2.73 -11.57 -29.22
C LEU K 89 -1.52 -12.22 -29.89
N MET K 90 -0.47 -12.49 -29.11
CA MET K 90 0.73 -13.10 -29.68
C MET K 90 0.45 -14.48 -30.24
N SER K 91 -0.35 -15.27 -29.54
CA SER K 91 -0.67 -16.61 -30.01
C SER K 91 -1.56 -16.55 -31.24
N GLY K 92 -2.47 -15.58 -31.30
CA GLY K 92 -3.42 -15.52 -32.40
C GLY K 92 -2.74 -15.29 -33.74
N LEU K 93 -1.77 -14.39 -33.80
CA LEU K 93 -1.16 -14.01 -35.06
C LEU K 93 0.27 -13.55 -34.82
N GLU K 94 1.06 -13.54 -35.90
CA GLU K 94 2.48 -13.25 -35.83
C GLU K 94 2.72 -11.77 -35.54
N VAL K 95 3.96 -11.47 -35.14
CA VAL K 95 4.34 -10.09 -34.86
C VAL K 95 4.19 -9.24 -36.11
N ASP K 96 4.68 -9.74 -37.24
CA ASP K 96 4.56 -9.00 -38.49
C ASP K 96 3.10 -8.77 -38.85
N GLU K 97 2.26 -9.80 -38.66
CA GLU K 97 0.84 -9.64 -38.93
C GLU K 97 0.21 -8.61 -38.00
N LEU K 98 0.61 -8.60 -36.72
CA LEU K 98 0.09 -7.60 -35.80
C LEU K 98 0.47 -6.19 -36.23
N VAL K 99 1.72 -6.00 -36.63
CA VAL K 99 2.15 -4.68 -37.09
C VAL K 99 1.39 -4.27 -38.34
N ARG K 100 1.21 -5.21 -39.27
CA ARG K 100 0.44 -4.90 -40.48
C ARG K 100 -0.99 -4.50 -40.13
N CYS K 101 -1.61 -5.23 -39.19
CA CYS K 101 -2.99 -4.93 -38.82
C CYS K 101 -3.11 -3.57 -38.17
N VAL K 102 -2.20 -3.25 -37.23
CA VAL K 102 -2.29 -1.98 -36.53
C VAL K 102 -1.99 -0.82 -37.47
N GLN K 103 -1.01 -0.98 -38.36
CA GLN K 103 -0.69 0.07 -39.31
C GLN K 103 -1.86 0.34 -40.25
N ALA K 104 -2.53 -0.72 -40.70
CA ALA K 104 -3.67 -0.60 -41.59
C ALA K 104 -4.99 -0.35 -40.85
N GLN K 105 -4.96 -0.30 -39.52
CA GLN K 105 -6.17 -0.06 -38.72
C GLN K 105 -7.23 -1.11 -39.03
N ASP K 106 -6.79 -2.36 -39.21
CA ASP K 106 -7.70 -3.46 -39.50
C ASP K 106 -8.18 -4.06 -38.18
N THR K 107 -9.40 -3.70 -37.78
CA THR K 107 -9.98 -4.22 -36.55
C THR K 107 -10.54 -5.63 -36.71
N SER K 108 -10.98 -5.98 -37.93
CA SER K 108 -11.64 -7.27 -38.13
C SER K 108 -10.72 -8.43 -37.78
N THR K 109 -9.45 -8.35 -38.19
CA THR K 109 -8.51 -9.42 -37.88
C THR K 109 -8.32 -9.56 -36.37
N LEU K 110 -8.22 -8.43 -35.67
CA LEU K 110 -8.04 -8.50 -34.22
C LEU K 110 -9.28 -9.05 -33.52
N VAL K 111 -10.48 -8.74 -34.03
CA VAL K 111 -11.69 -9.24 -33.39
C VAL K 111 -11.75 -10.76 -33.45
N LYS K 112 -11.25 -11.35 -34.55
CA LYS K 112 -11.28 -12.79 -34.69
C LYS K 112 -10.48 -13.50 -33.60
N ILE K 113 -9.51 -12.83 -33.00
CA ILE K 113 -8.73 -13.45 -31.92
C ILE K 113 -9.64 -13.71 -30.74
N PRO K 114 -9.66 -14.93 -30.17
CA PRO K 114 -10.50 -15.16 -28.99
C PRO K 114 -10.10 -14.28 -27.83
N GLY K 115 -11.09 -13.79 -27.10
CA GLY K 115 -10.86 -12.91 -25.98
C GLY K 115 -10.65 -11.45 -26.34
N VAL K 116 -10.68 -11.11 -27.63
CA VAL K 116 -10.48 -9.74 -28.09
C VAL K 116 -11.79 -9.26 -28.70
N GLY K 117 -12.37 -8.22 -28.08
CA GLY K 117 -13.61 -7.65 -28.56
C GLY K 117 -13.38 -6.39 -29.39
N LYS K 118 -14.49 -5.82 -29.87
CA LYS K 118 -14.42 -4.61 -30.68
C LYS K 118 -13.88 -3.44 -29.87
N LYS K 119 -14.35 -3.28 -28.63
CA LYS K 119 -13.92 -2.14 -27.82
C LYS K 119 -12.43 -2.21 -27.53
N THR K 120 -11.96 -3.37 -27.03
CA THR K 120 -10.53 -3.49 -26.74
C THR K 120 -9.70 -3.44 -28.00
N ALA K 121 -10.21 -3.98 -29.11
CA ALA K 121 -9.47 -3.89 -30.37
C ALA K 121 -9.30 -2.44 -30.80
N GLU K 122 -10.36 -1.64 -30.68
CA GLU K 122 -10.25 -0.22 -30.99
C GLU K 122 -9.26 0.45 -30.06
N ARG K 123 -9.26 0.07 -28.78
CA ARG K 123 -8.29 0.62 -27.84
C ARG K 123 -6.86 0.31 -28.29
N LEU K 124 -6.59 -0.94 -28.67
CA LEU K 124 -5.25 -1.30 -29.13
C LEU K 124 -4.87 -0.51 -30.36
N LEU K 125 -5.78 -0.40 -31.33
CA LEU K 125 -5.46 0.34 -32.55
C LEU K 125 -5.14 1.79 -32.23
N VAL K 126 -5.97 2.44 -31.43
CA VAL K 126 -5.74 3.85 -31.13
C VAL K 126 -4.45 4.04 -30.33
N GLU K 127 -4.11 3.11 -29.45
CA GLU K 127 -2.92 3.27 -28.63
C GLU K 127 -1.63 2.90 -29.35
N LEU K 128 -1.70 2.05 -30.38
CA LEU K 128 -0.52 1.58 -31.08
C LEU K 128 -0.43 2.07 -32.52
N LYS K 129 -1.30 2.98 -32.94
CA LYS K 129 -1.22 3.49 -34.31
C LYS K 129 0.13 4.13 -34.59
N ASP K 130 0.66 4.91 -33.64
CA ASP K 130 1.91 5.63 -33.83
C ASP K 130 3.06 5.10 -32.99
N ARG K 131 2.82 4.08 -32.16
CA ARG K 131 3.89 3.59 -31.29
C ARG K 131 4.98 2.89 -32.10
N PHE K 132 4.60 2.04 -33.04
CA PHE K 132 5.60 1.27 -33.78
C PHE K 132 6.40 2.15 -34.73
N LYS K 133 5.74 3.12 -35.35
CA LYS K 133 6.37 4.03 -36.32
C LYS K 133 7.34 3.27 -37.23
N ALA K 134 6.85 2.15 -37.78
CA ALA K 134 7.65 1.28 -38.63
C ALA K 134 8.89 0.79 -37.86
N TRP K 135 8.66 0.33 -36.64
CA TRP K 135 9.73 -0.19 -35.79
C TRP K 135 10.84 0.85 -35.62
N MET L 1 13.57 -17.78 1.57
CA MET L 1 13.81 -18.56 0.33
C MET L 1 15.26 -19.02 0.24
N ILE L 2 16.18 -18.11 0.56
CA ILE L 2 17.61 -18.39 0.55
C ILE L 2 18.05 -18.59 1.99
N GLY L 3 18.60 -19.77 2.29
CA GLY L 3 18.98 -20.10 3.64
C GLY L 3 20.45 -20.41 3.82
N ARG L 4 21.20 -20.43 2.73
CA ARG L 4 22.63 -20.70 2.79
C ARG L 4 23.27 -20.35 1.46
N LEU L 5 24.48 -19.80 1.52
CA LEU L 5 25.27 -19.50 0.34
C LEU L 5 26.63 -20.17 0.49
N ARG L 6 27.02 -20.96 -0.52
CA ARG L 6 28.29 -21.68 -0.53
C ARG L 6 29.03 -21.29 -1.80
N GLY L 7 29.85 -20.25 -1.70
CA GLY L 7 30.59 -19.76 -2.85
C GLY L 7 32.03 -19.42 -2.52
N THR L 8 32.53 -18.35 -3.12
CA THR L 8 33.91 -17.90 -2.92
C THR L 8 33.90 -16.45 -2.46
N LEU L 9 34.75 -16.13 -1.50
CA LEU L 9 34.86 -14.76 -0.99
C LEU L 9 35.56 -13.90 -2.05
N ALA L 10 34.79 -13.03 -2.70
CA ALA L 10 35.33 -12.19 -3.77
C ALA L 10 35.80 -10.84 -3.25
N GLU L 11 34.94 -10.13 -2.53
CA GLU L 11 35.27 -8.82 -1.97
C GLU L 11 34.88 -8.80 -0.51
N LYS L 12 35.65 -8.07 0.30
CA LYS L 12 35.42 -7.98 1.74
C LYS L 12 35.74 -6.56 2.19
N GLN L 13 34.72 -5.72 2.23
CA GLN L 13 34.80 -4.41 2.89
C GLN L 13 33.76 -4.40 4.00
N PRO L 14 34.15 -4.35 5.28
CA PRO L 14 33.18 -4.53 6.35
C PRO L 14 32.12 -3.44 6.32
N PRO L 15 30.90 -3.73 6.81
CA PRO L 15 30.46 -5.03 7.34
C PRO L 15 29.82 -5.93 6.28
N HIS L 16 30.09 -5.65 5.01
CA HIS L 16 29.46 -6.35 3.90
C HIS L 16 30.45 -7.28 3.20
N LEU L 17 29.90 -8.26 2.50
CA LEU L 17 30.69 -9.23 1.76
C LEU L 17 30.12 -9.39 0.36
N ILE L 18 30.95 -9.89 -0.56
CA ILE L 18 30.51 -10.34 -1.87
C ILE L 18 30.88 -11.82 -1.95
N LEU L 19 29.86 -12.68 -2.02
CA LEU L 19 30.06 -14.13 -2.06
C LEU L 19 29.74 -14.60 -3.47
N ASP L 20 30.79 -14.82 -4.26
CA ASP L 20 30.63 -15.19 -5.67
C ASP L 20 30.16 -16.64 -5.75
N VAL L 21 28.87 -16.82 -6.05
CA VAL L 21 28.29 -18.15 -6.21
C VAL L 21 28.06 -18.42 -7.69
N ASN L 22 29.03 -19.08 -8.34
CA ASN L 22 28.94 -19.43 -9.75
C ASN L 22 28.70 -18.20 -10.61
N GLY L 23 29.38 -17.09 -10.28
CA GLY L 23 29.30 -15.89 -11.07
C GLY L 23 28.47 -14.80 -10.42
N VAL L 24 27.37 -15.18 -9.77
CA VAL L 24 26.48 -14.21 -9.14
C VAL L 24 27.08 -13.85 -7.78
N GLY L 25 27.54 -12.61 -7.64
CA GLY L 25 28.07 -12.15 -6.38
C GLY L 25 27.01 -11.58 -5.48
N TYR L 26 26.68 -12.30 -4.41
CA TYR L 26 25.65 -11.88 -3.47
C TYR L 26 26.26 -10.96 -2.42
N GLU L 27 25.69 -9.77 -2.29
CA GLU L 27 26.16 -8.80 -1.31
C GLU L 27 25.53 -9.12 0.04
N VAL L 28 26.34 -9.58 0.99
CA VAL L 28 25.86 -10.10 2.26
C VAL L 28 26.46 -9.27 3.38
N GLU L 29 25.62 -8.87 4.33
CA GLU L 29 26.05 -8.15 5.52
C GLU L 29 26.23 -9.14 6.67
N VAL L 30 27.37 -9.06 7.35
CA VAL L 30 27.71 -10.02 8.39
C VAL L 30 28.08 -9.28 9.67
N PRO L 31 27.91 -9.90 10.85
CA PRO L 31 28.37 -9.26 12.08
C PRO L 31 29.90 -9.32 12.20
N MET L 32 30.41 -8.59 13.18
CA MET L 32 31.85 -8.58 13.41
C MET L 32 32.35 -9.96 13.83
N THR L 33 31.55 -10.72 14.57
CA THR L 33 31.96 -12.07 14.96
C THR L 33 32.18 -12.94 13.74
N THR L 34 31.28 -12.86 12.76
CA THR L 34 31.47 -13.59 11.51
C THR L 34 32.68 -13.05 10.75
N LEU L 35 32.89 -11.73 10.79
CA LEU L 35 34.02 -11.14 10.09
C LEU L 35 35.34 -11.69 10.61
N TYR L 36 35.46 -11.82 11.94
CA TYR L 36 36.70 -12.29 12.55
C TYR L 36 37.00 -13.76 12.24
N ARG L 37 36.03 -14.50 11.69
CA ARG L 37 36.22 -15.91 11.35
C ARG L 37 36.31 -16.15 9.86
N LEU L 38 36.09 -15.14 9.02
CA LEU L 38 36.11 -15.36 7.59
C LEU L 38 37.51 -15.70 7.09
N PRO L 39 37.61 -16.49 6.01
CA PRO L 39 38.93 -16.71 5.39
C PRO L 39 39.40 -15.48 4.62
N SER L 40 40.54 -15.60 3.95
CA SER L 40 41.04 -14.51 3.12
C SER L 40 40.24 -14.43 1.82
N VAL L 41 40.35 -13.28 1.16
CA VAL L 41 39.62 -13.07 -0.09
C VAL L 41 40.07 -14.11 -1.11
N GLY L 42 39.11 -14.69 -1.82
CA GLY L 42 39.38 -15.71 -2.82
C GLY L 42 39.19 -17.13 -2.34
N GLU L 43 39.04 -17.35 -1.02
CA GLU L 43 38.86 -18.70 -0.51
C GLU L 43 37.37 -19.01 -0.36
N PRO L 44 36.99 -20.29 -0.47
CA PRO L 44 35.58 -20.65 -0.32
C PRO L 44 35.09 -20.41 1.10
N VAL L 45 33.80 -20.09 1.21
CA VAL L 45 33.16 -19.87 2.50
C VAL L 45 31.68 -20.19 2.39
N THR L 46 31.12 -20.72 3.47
CA THR L 46 29.70 -21.03 3.56
C THR L 46 29.06 -20.14 4.62
N LEU L 47 28.01 -19.44 4.24
CA LEU L 47 27.28 -18.55 5.14
C LEU L 47 25.83 -18.98 5.21
N HIS L 48 25.30 -19.04 6.43
CA HIS L 48 23.89 -19.35 6.66
C HIS L 48 23.14 -18.03 6.67
N THR L 49 22.62 -17.64 5.52
CA THR L 49 22.05 -16.31 5.33
C THR L 49 20.56 -16.29 5.65
N HIS L 50 20.07 -15.11 5.98
CA HIS L 50 18.65 -14.86 6.19
C HIS L 50 18.24 -13.73 5.25
N LEU L 51 17.24 -13.99 4.42
CA LEU L 51 16.81 -13.03 3.40
C LEU L 51 15.70 -12.15 3.98
N VAL L 52 15.99 -10.86 4.10
CA VAL L 52 15.02 -9.87 4.56
C VAL L 52 14.44 -9.19 3.33
N VAL L 53 13.13 -9.22 3.19
CA VAL L 53 12.43 -8.66 2.04
C VAL L 53 11.59 -7.49 2.51
N ARG L 54 11.75 -6.34 1.84
CA ARG L 54 10.98 -5.14 2.12
C ARG L 54 10.37 -4.66 0.81
N GLU L 55 9.43 -3.72 0.91
CA GLU L 55 8.74 -3.22 -0.27
C GLU L 55 9.70 -2.59 -1.28
N ASP L 56 10.91 -2.20 -0.85
CA ASP L 56 11.82 -1.51 -1.74
C ASP L 56 13.26 -2.03 -1.67
N ALA L 57 13.50 -3.22 -1.12
CA ALA L 57 14.85 -3.74 -1.07
C ALA L 57 14.83 -5.19 -0.61
N HIS L 58 15.73 -5.99 -1.16
CA HIS L 58 16.00 -7.34 -0.70
C HIS L 58 17.40 -7.36 -0.11
N LEU L 59 17.51 -7.83 1.14
CA LEU L 59 18.76 -7.79 1.89
C LEU L 59 19.12 -9.19 2.39
N LEU L 60 20.41 -9.48 2.40
CA LEU L 60 20.93 -10.75 2.89
C LEU L 60 21.79 -10.50 4.13
N TYR L 61 21.67 -11.40 5.10
CA TYR L 61 22.44 -11.32 6.35
C TYR L 61 23.06 -12.67 6.61
N GLY L 62 24.37 -12.78 6.42
CA GLY L 62 25.09 -14.03 6.53
C GLY L 62 25.70 -14.21 7.91
N PHE L 63 25.80 -15.47 8.33
CA PHE L 63 26.36 -15.82 9.64
C PHE L 63 27.23 -17.06 9.49
N ALA L 64 28.19 -17.19 10.41
CA ALA L 64 29.10 -18.33 10.37
C ALA L 64 28.45 -19.61 10.85
N GLU L 65 27.43 -19.51 11.70
CA GLU L 65 26.79 -20.67 12.28
C GLU L 65 25.27 -20.57 12.10
N LYS L 66 24.63 -21.73 12.03
CA LYS L 66 23.17 -21.77 11.87
C LYS L 66 22.47 -21.17 13.08
N ARG L 67 22.95 -21.48 14.29
CA ARG L 67 22.34 -20.95 15.50
C ARG L 67 22.36 -19.42 15.52
N GLU L 68 23.43 -18.82 14.98
CA GLU L 68 23.48 -17.37 14.88
C GLU L 68 22.35 -16.85 13.99
N ARG L 69 22.11 -17.51 12.87
CA ARG L 69 21.02 -17.10 11.98
C ARG L 69 19.67 -17.25 12.67
N GLU L 70 19.47 -18.35 13.40
CA GLU L 70 18.22 -18.54 14.12
C GLU L 70 18.02 -17.43 15.15
N LEU L 71 19.07 -17.09 15.89
CA LEU L 71 18.95 -16.03 16.89
C LEU L 71 18.67 -14.69 16.22
N PHE L 72 19.29 -14.43 15.07
CA PHE L 72 19.03 -13.19 14.35
C PHE L 72 17.57 -13.12 13.91
N ARG L 73 17.04 -14.23 13.39
CA ARG L 73 15.63 -14.24 12.98
C ARG L 73 14.72 -14.00 14.18
N GLU L 74 15.01 -14.65 15.30
CA GLU L 74 14.20 -14.42 16.50
C GLU L 74 14.26 -12.97 16.95
N LEU L 75 15.46 -12.37 16.91
CA LEU L 75 15.62 -10.99 17.35
C LEU L 75 14.85 -10.03 16.45
N ILE L 76 15.00 -10.17 15.14
CA ILE L 76 14.31 -9.26 14.23
C ILE L 76 12.80 -9.52 14.22
N ARG L 77 12.37 -10.71 14.67
CA ARG L 77 10.94 -10.98 14.78
C ARG L 77 10.26 -10.10 15.82
N LEU L 78 11.03 -9.47 16.71
CA LEU L 78 10.45 -8.61 17.72
C LEU L 78 9.91 -7.33 17.09
N ASN L 79 9.03 -6.66 17.83
CA ASN L 79 8.31 -5.51 17.29
C ASN L 79 9.23 -4.29 17.18
N GLY L 80 10.08 -4.06 18.18
CA GLY L 80 10.93 -2.90 18.23
C GLY L 80 12.38 -3.13 17.86
N VAL L 81 12.71 -4.29 17.29
CA VAL L 81 14.08 -4.64 16.93
C VAL L 81 14.16 -4.83 15.42
N GLY L 82 15.14 -4.18 14.80
CA GLY L 82 15.35 -4.30 13.37
C GLY L 82 16.66 -4.99 13.06
N PRO L 83 16.94 -5.19 11.77
CA PRO L 83 18.20 -5.87 11.39
C PRO L 83 19.43 -5.18 11.93
N LYS L 84 19.46 -3.85 11.95
CA LYS L 84 20.64 -3.14 12.44
C LYS L 84 20.85 -3.37 13.93
N LEU L 85 19.78 -3.25 14.73
CA LEU L 85 19.91 -3.49 16.16
C LEU L 85 20.30 -4.92 16.45
N ALA L 86 19.71 -5.88 15.73
CA ALA L 86 20.07 -7.29 15.93
C ALA L 86 21.52 -7.53 15.58
N LEU L 87 22.01 -6.95 14.48
CA LEU L 87 23.40 -7.12 14.10
C LEU L 87 24.32 -6.51 15.15
N ALA L 88 23.95 -5.34 15.68
CA ALA L 88 24.75 -4.74 16.75
C ALA L 88 24.80 -5.66 17.97
N LEU L 89 23.65 -6.24 18.34
CA LEU L 89 23.62 -7.15 19.48
C LEU L 89 24.50 -8.36 19.25
N MET L 90 24.43 -8.95 18.07
CA MET L 90 25.22 -10.15 17.79
C MET L 90 26.71 -9.84 17.65
N SER L 91 27.05 -8.62 17.24
CA SER L 91 28.45 -8.25 17.16
C SER L 91 29.03 -7.93 18.54
N GLY L 92 28.23 -7.30 19.40
CA GLY L 92 28.73 -6.93 20.72
C GLY L 92 28.83 -8.11 21.67
N LEU L 93 28.06 -9.18 21.41
CA LEU L 93 28.02 -10.33 22.28
C LEU L 93 27.86 -11.60 21.46
N GLU L 94 28.35 -12.71 22.01
CA GLU L 94 28.14 -14.01 21.39
C GLU L 94 26.75 -14.53 21.74
N VAL L 95 26.35 -15.59 21.04
CA VAL L 95 25.02 -16.17 21.28
C VAL L 95 24.91 -16.69 22.70
N ASP L 96 25.95 -17.39 23.18
CA ASP L 96 25.93 -17.91 24.54
C ASP L 96 25.83 -16.78 25.56
N GLU L 97 26.62 -15.72 25.37
CA GLU L 97 26.54 -14.59 26.29
C GLU L 97 25.17 -13.92 26.25
N LEU L 98 24.61 -13.74 25.04
CA LEU L 98 23.31 -13.11 24.92
C LEU L 98 22.23 -13.93 25.63
N VAL L 99 22.24 -15.25 25.42
CA VAL L 99 21.22 -16.08 26.05
C VAL L 99 21.40 -16.12 27.57
N ARG L 100 22.65 -16.15 28.05
CA ARG L 100 22.86 -16.12 29.49
C ARG L 100 22.38 -14.80 30.08
N CYS L 101 22.63 -13.68 29.39
CA CYS L 101 22.11 -12.40 29.85
C CYS L 101 20.59 -12.38 29.86
N VAL L 102 19.96 -12.96 28.84
CA VAL L 102 18.50 -13.02 28.80
C VAL L 102 17.98 -13.81 29.99
N GLN L 103 18.57 -14.98 30.26
CA GLN L 103 18.12 -15.79 31.38
C GLN L 103 18.36 -15.09 32.71
N ALA L 104 19.51 -14.43 32.87
CA ALA L 104 19.84 -13.76 34.11
C ALA L 104 19.22 -12.38 34.22
N GLN L 105 18.59 -11.87 33.17
CA GLN L 105 17.98 -10.54 33.17
C GLN L 105 19.02 -9.47 33.50
N ASP L 106 20.10 -9.46 32.72
CA ASP L 106 21.20 -8.52 32.91
C ASP L 106 21.07 -7.41 31.87
N THR L 107 20.91 -6.18 32.35
CA THR L 107 20.84 -5.01 31.48
C THR L 107 22.17 -4.26 31.39
N SER L 108 23.01 -4.35 32.41
CA SER L 108 24.30 -3.67 32.37
C SER L 108 25.15 -4.18 31.21
N THR L 109 25.16 -5.49 30.99
CA THR L 109 25.92 -6.04 29.87
C THR L 109 25.37 -5.57 28.53
N LEU L 110 24.04 -5.52 28.41
CA LEU L 110 23.43 -5.16 27.13
C LEU L 110 23.65 -3.69 26.81
N VAL L 111 23.49 -2.80 27.78
CA VAL L 111 23.62 -1.38 27.51
C VAL L 111 25.03 -1.01 27.05
N LYS L 112 26.04 -1.82 27.40
CA LYS L 112 27.39 -1.57 26.90
C LYS L 112 27.46 -1.62 25.39
N ILE L 113 26.53 -2.31 24.74
CA ILE L 113 26.54 -2.41 23.27
C ILE L 113 26.17 -1.07 22.67
N PRO L 114 26.96 -0.50 21.77
CA PRO L 114 26.57 0.78 21.15
C PRO L 114 25.26 0.64 20.39
N GLY L 115 24.45 1.70 20.45
CA GLY L 115 23.16 1.69 19.82
C GLY L 115 22.07 1.00 20.62
N VAL L 116 22.38 0.48 21.79
CA VAL L 116 21.41 -0.20 22.65
C VAL L 116 21.20 0.67 23.87
N GLY L 117 19.96 1.13 24.06
CA GLY L 117 19.60 1.91 25.23
C GLY L 117 18.98 1.03 26.31
N LYS L 118 18.63 1.67 27.42
CA LYS L 118 18.02 0.93 28.52
C LYS L 118 16.67 0.39 28.11
N LYS L 119 15.73 1.27 27.78
CA LYS L 119 14.39 0.84 27.39
C LYS L 119 14.46 -0.38 26.47
N THR L 120 15.30 -0.31 25.45
CA THR L 120 15.53 -1.47 24.60
C THR L 120 16.05 -2.64 25.42
N ALA L 121 16.84 -2.38 26.47
CA ALA L 121 17.37 -3.46 27.28
C ALA L 121 16.25 -4.24 27.96
N GLU L 122 15.36 -3.54 28.69
CA GLU L 122 14.30 -4.31 29.36
C GLU L 122 13.27 -4.84 28.37
N ARG L 123 13.06 -4.17 27.23
CA ARG L 123 12.20 -4.77 26.21
C ARG L 123 12.76 -6.08 25.70
N LEU L 124 14.06 -6.10 25.38
CA LEU L 124 14.68 -7.33 24.91
C LEU L 124 14.60 -8.42 25.98
N LEU L 125 14.87 -8.06 27.24
CA LEU L 125 14.77 -9.03 28.31
C LEU L 125 13.35 -9.61 28.40
N VAL L 126 12.35 -8.74 28.40
CA VAL L 126 10.96 -9.19 28.55
C VAL L 126 10.57 -10.11 27.41
N GLU L 127 10.92 -9.74 26.18
CA GLU L 127 10.54 -10.56 25.04
C GLU L 127 11.28 -11.89 25.04
N LEU L 128 12.60 -11.86 25.25
CA LEU L 128 13.41 -13.06 25.07
C LEU L 128 13.26 -14.05 26.22
N LYS L 129 13.02 -13.57 27.44
CA LYS L 129 12.84 -14.51 28.55
C LYS L 129 11.68 -15.45 28.30
N ASP L 130 10.62 -14.96 27.64
CA ASP L 130 9.50 -15.81 27.28
C ASP L 130 9.69 -16.51 25.93
N ARG L 131 10.43 -15.88 25.01
CA ARG L 131 10.71 -16.54 23.74
C ARG L 131 11.54 -17.80 23.93
N PHE L 132 12.53 -17.77 24.82
CA PHE L 132 13.38 -18.93 25.09
C PHE L 132 12.66 -19.85 26.07
N LYS L 133 12.16 -20.97 25.54
CA LYS L 133 11.49 -21.97 26.37
C LYS L 133 12.39 -23.18 26.62
N ALA L 134 13.00 -23.72 25.57
CA ALA L 134 13.89 -24.87 25.67
C ALA L 134 15.33 -24.53 25.39
N TRP L 135 15.62 -23.93 24.23
CA TRP L 135 16.97 -23.54 23.88
C TRP L 135 17.93 -24.72 23.96
#